data_4YMD
#
_entry.id   4YMD
#
_cell.length_a   71.850
_cell.length_b   106.650
_cell.length_c   78.390
_cell.angle_alpha   90.000
_cell.angle_beta   92.170
_cell.angle_gamma   90.000
#
_symmetry.space_group_name_H-M   'P 1 21 1'
#
loop_
_entity.id
_entity.type
_entity.pdbx_description
1 polymer Collectin-11
2 branched alpha-D-mannopyranose-(1-2)-alpha-D-mannopyranose
3 non-polymer 'CALCIUM ION'
4 non-polymer GLYCEROL
5 water water
#
_entity_poly.entity_id   1
_entity_poly.type   'polypeptide(L)'
_entity_poly.pdbx_seq_one_letter_code
;SQLRKAIGEMDNQVSQLTSELKFIKNAVAGVRETESKIYLLVKEEKRYADAQLSCQGRGGTLSMPKDEAANGLMAAYLAQ
AGLARVFIGINDLEKEGAFVYSDHSPMRTFNKWRSGEPNNAYDEEDCVEMVASGGWNDVACHTTMYFMCEFDKEN
;
_entity_poly.pdbx_strand_id   A,B,D,F,C,E
#
loop_
_chem_comp.id
_chem_comp.type
_chem_comp.name
_chem_comp.formula
CA non-polymer 'CALCIUM ION' 'Ca 2'
GOL non-polymer GLYCEROL 'C3 H8 O3'
MAN D-saccharide, alpha linking alpha-D-mannopyranose 'C6 H12 O6'
#
# COMPACT_ATOMS: atom_id res chain seq x y z
N SER A 1 -50.60 8.01 6.39
CA SER A 1 -49.25 7.60 6.04
C SER A 1 -48.75 8.31 4.80
N GLN A 2 -48.89 9.64 4.79
CA GLN A 2 -48.33 10.47 3.72
C GLN A 2 -46.95 10.97 4.09
N LEU A 3 -46.77 11.30 5.36
CA LEU A 3 -45.51 11.83 5.86
C LEU A 3 -44.50 10.70 6.05
N ARG A 4 -44.98 9.50 6.30
CA ARG A 4 -44.12 8.32 6.48
C ARG A 4 -43.23 8.11 5.26
N LYS A 5 -43.85 8.12 4.08
CA LYS A 5 -43.13 7.89 2.84
C LYS A 5 -42.32 9.10 2.41
N ALA A 6 -42.81 10.29 2.73
CA ALA A 6 -42.06 11.51 2.45
C ALA A 6 -40.73 11.48 3.19
N ILE A 7 -40.78 11.01 4.44
CA ILE A 7 -39.59 10.95 5.28
C ILE A 7 -38.72 9.75 4.87
N GLY A 8 -39.33 8.62 4.55
CA GLY A 8 -38.58 7.48 4.01
C GLY A 8 -37.75 7.93 2.82
N GLU A 9 -38.38 8.71 1.95
CA GLU A 9 -37.73 9.26 0.76
C GLU A 9 -36.66 10.27 1.19
N MET A 10 -36.89 10.93 2.32
CA MET A 10 -35.91 11.86 2.89
C MET A 10 -34.63 11.14 3.33
N ASP A 11 -34.83 10.02 4.03
CA ASP A 11 -33.77 9.11 4.44
C ASP A 11 -32.99 8.67 3.23
N ASN A 12 -33.71 8.31 2.17
CA ASN A 12 -33.07 7.97 0.91
C ASN A 12 -32.20 9.10 0.37
N GLN A 13 -32.74 10.33 0.36
CA GLN A 13 -31.96 11.49 -0.06
C GLN A 13 -30.68 11.68 0.74
N VAL A 14 -30.77 11.53 2.06
CA VAL A 14 -29.60 11.74 2.92
C VAL A 14 -28.57 10.63 2.72
N SER A 15 -29.03 9.38 2.62
CA SER A 15 -28.19 8.25 2.28
C SER A 15 -27.43 8.50 0.97
N GLN A 16 -28.19 8.90 -0.04
CA GLN A 16 -27.67 9.21 -1.37
C GLN A 16 -26.57 10.25 -1.28
N LEU A 17 -26.90 11.38 -0.64
CA LEU A 17 -25.94 12.47 -0.47
C LEU A 17 -24.68 12.02 0.27
N THR A 18 -24.84 11.21 1.32
CA THR A 18 -23.70 10.67 2.05
C THR A 18 -22.79 9.87 1.11
N SER A 19 -23.41 9.03 0.29
CA SER A 19 -22.65 8.16 -0.60
C SER A 19 -21.89 8.97 -1.66
N GLU A 20 -22.61 9.86 -2.34
CA GLU A 20 -22.00 10.72 -3.35
C GLU A 20 -20.89 11.60 -2.78
N LEU A 21 -21.12 12.12 -1.57
CA LEU A 21 -20.14 12.95 -0.88
C LEU A 21 -18.89 12.14 -0.58
N LYS A 22 -19.09 10.90 -0.12
CA LYS A 22 -17.98 10.00 0.18
C LYS A 22 -17.19 9.74 -1.08
N PHE A 23 -17.89 9.54 -2.18
CA PHE A 23 -17.31 9.37 -3.49
C PHE A 23 -16.43 10.56 -3.87
N ILE A 24 -17.00 11.76 -3.81
CA ILE A 24 -16.27 12.99 -4.10
C ILE A 24 -15.01 13.13 -3.25
N LYS A 25 -15.12 12.80 -1.97
CA LYS A 25 -13.96 12.88 -1.08
C LYS A 25 -12.88 11.90 -1.48
N ASN A 26 -13.27 10.65 -1.73
CA ASN A 26 -12.33 9.57 -1.93
C ASN A 26 -11.86 9.43 -3.38
N ALA A 27 -12.80 9.32 -4.30
CA ALA A 27 -12.47 9.05 -5.71
C ALA A 27 -11.91 10.28 -6.42
N VAL A 28 -12.55 11.42 -6.22
CA VAL A 28 -12.15 12.65 -6.91
C VAL A 28 -11.01 13.36 -6.20
N ALA A 29 -11.29 13.87 -5.00
CA ALA A 29 -10.31 14.68 -4.28
C ALA A 29 -9.21 13.83 -3.65
N GLY A 30 -9.43 12.51 -3.63
CA GLY A 30 -8.49 11.58 -3.04
C GLY A 30 -7.98 11.98 -1.68
N VAL A 31 -8.85 12.58 -0.86
CA VAL A 31 -8.44 13.09 0.44
C VAL A 31 -8.16 11.97 1.45
N ARG A 32 -7.52 12.33 2.56
CA ARG A 32 -7.26 11.39 3.66
C ARG A 32 -7.66 11.98 4.99
N GLU A 33 -8.29 11.15 5.82
CA GLU A 33 -8.92 11.64 7.03
C GLU A 33 -8.54 10.79 8.25
N THR A 34 -8.19 11.47 9.34
CA THR A 34 -8.07 10.82 10.65
C THR A 34 -9.25 11.26 11.50
N GLU A 35 -9.28 10.83 12.76
CA GLU A 35 -10.34 11.24 13.67
C GLU A 35 -10.30 12.75 13.92
N SER A 36 -9.10 13.31 13.95
CA SER A 36 -8.94 14.72 14.30
C SER A 36 -8.45 15.61 13.16
N LYS A 37 -7.99 15.01 12.06
CA LYS A 37 -7.35 15.78 10.99
C LYS A 37 -7.72 15.34 9.59
N ILE A 38 -7.55 16.24 8.63
CA ILE A 38 -7.72 15.92 7.22
C ILE A 38 -6.44 16.24 6.45
N TYR A 39 -6.05 15.36 5.53
CA TYR A 39 -4.83 15.59 4.75
C TYR A 39 -5.14 15.68 3.26
N LEU A 40 -4.56 16.67 2.59
CA LEU A 40 -4.89 16.93 1.19
C LEU A 40 -3.66 17.08 0.32
N LEU A 41 -3.57 16.27 -0.73
CA LEU A 41 -2.51 16.43 -1.72
C LEU A 41 -2.90 17.46 -2.78
N VAL A 42 -2.06 18.46 -2.96
CA VAL A 42 -2.24 19.42 -4.04
C VAL A 42 -1.17 19.20 -5.10
N LYS A 43 -1.67 18.88 -6.29
CA LYS A 43 -0.87 18.54 -7.45
C LYS A 43 -0.60 19.78 -8.28
N GLU A 44 0.09 20.74 -7.67
CA GLU A 44 0.51 21.96 -8.34
C GLU A 44 1.95 22.22 -7.94
N GLU A 45 2.83 22.23 -8.93
CA GLU A 45 4.25 22.44 -8.66
C GLU A 45 4.49 23.87 -8.16
N LYS A 46 4.99 23.99 -6.94
CA LYS A 46 5.23 25.28 -6.30
C LYS A 46 6.49 25.28 -5.44
N ARG A 47 6.93 26.47 -5.06
CA ARG A 47 8.05 26.62 -4.14
C ARG A 47 7.52 26.65 -2.71
N TYR A 48 8.38 26.35 -1.74
CA TYR A 48 7.96 26.20 -0.35
C TYR A 48 7.03 27.31 0.14
N ALA A 49 7.48 28.57 0.06
CA ALA A 49 6.71 29.67 0.60
C ALA A 49 5.35 29.80 -0.09
N ASP A 50 5.34 29.56 -1.39
CA ASP A 50 4.11 29.55 -2.16
C ASP A 50 3.19 28.45 -1.66
N ALA A 51 3.76 27.27 -1.44
CA ALA A 51 3.01 26.13 -0.93
C ALA A 51 2.39 26.43 0.43
N GLN A 52 3.17 26.98 1.36
CA GLN A 52 2.67 27.32 2.68
C GLN A 52 1.54 28.35 2.56
N LEU A 53 1.70 29.32 1.67
CA LEU A 53 0.62 30.29 1.46
C LEU A 53 -0.64 29.63 0.91
N SER A 54 -0.47 28.72 -0.05
CA SER A 54 -1.60 27.97 -0.61
C SER A 54 -2.35 27.15 0.44
N CYS A 55 -1.61 26.45 1.29
CA CYS A 55 -2.21 25.70 2.40
C CYS A 55 -2.95 26.63 3.34
N GLN A 56 -2.33 27.78 3.63
CA GLN A 56 -2.95 28.74 4.51
C GLN A 56 -4.26 29.24 3.92
N GLY A 57 -4.27 29.54 2.63
CA GLY A 57 -5.48 29.99 1.94
C GLY A 57 -6.63 29.02 2.05
N ARG A 58 -6.30 27.73 2.07
CA ARG A 58 -7.31 26.70 2.27
C ARG A 58 -7.68 26.52 3.74
N GLY A 59 -7.14 27.39 4.59
CA GLY A 59 -7.38 27.32 6.01
C GLY A 59 -6.63 26.23 6.74
N GLY A 60 -5.46 25.87 6.22
CA GLY A 60 -4.61 24.89 6.85
C GLY A 60 -3.13 25.28 6.80
N THR A 61 -2.25 24.30 6.99
CA THR A 61 -0.82 24.50 6.82
C THR A 61 -0.21 23.30 6.10
N LEU A 62 1.06 23.41 5.74
CA LEU A 62 1.77 22.26 5.20
C LEU A 62 1.82 21.17 6.26
N SER A 63 1.72 19.91 5.84
CA SER A 63 1.53 18.80 6.75
C SER A 63 2.65 18.69 7.77
N MET A 64 2.26 18.42 9.02
CA MET A 64 3.22 18.27 10.10
C MET A 64 3.10 16.89 10.73
N PRO A 65 4.00 15.98 10.35
CA PRO A 65 4.06 14.63 10.94
C PRO A 65 4.78 14.65 12.28
N LYS A 66 4.01 14.77 13.36
CA LYS A 66 4.58 14.85 14.70
C LYS A 66 4.64 13.49 15.38
N ASP A 67 3.96 12.51 14.79
CA ASP A 67 3.98 11.14 15.30
C ASP A 67 3.94 10.10 14.17
N GLU A 68 4.23 8.85 14.51
CA GLU A 68 4.35 7.77 13.53
C GLU A 68 3.08 7.52 12.70
N ALA A 69 1.92 7.65 13.33
CA ALA A 69 0.65 7.36 12.67
C ALA A 69 0.39 8.33 11.53
N ALA A 70 0.54 9.61 11.84
CA ALA A 70 0.42 10.66 10.83
C ALA A 70 1.36 10.39 9.67
N ASN A 71 2.65 10.29 9.96
CA ASN A 71 3.67 10.08 8.95
C ASN A 71 3.41 8.88 8.06
N GLY A 72 2.92 7.79 8.66
CA GLY A 72 2.62 6.58 7.93
C GLY A 72 1.42 6.78 7.02
N LEU A 73 0.44 7.54 7.52
CA LEU A 73 -0.72 7.89 6.71
C LEU A 73 -0.29 8.69 5.48
N MET A 74 0.54 9.71 5.72
CA MET A 74 1.04 10.56 4.64
C MET A 74 1.81 9.72 3.61
N ALA A 75 2.64 8.80 4.12
CA ALA A 75 3.39 7.90 3.26
C ALA A 75 2.47 7.04 2.38
N ALA A 76 1.41 6.51 2.98
CA ALA A 76 0.44 5.70 2.23
C ALA A 76 -0.28 6.52 1.16
N TYR A 77 -0.62 7.76 1.54
CA TYR A 77 -1.29 8.71 0.66
C TYR A 77 -0.43 8.98 -0.57
N LEU A 78 0.83 9.29 -0.30
CA LEU A 78 1.83 9.51 -1.34
C LEU A 78 1.95 8.28 -2.22
N ALA A 79 1.99 7.11 -1.59
CA ALA A 79 2.09 5.84 -2.31
C ALA A 79 0.96 5.66 -3.33
N GLN A 80 -0.29 5.63 -2.86
CA GLN A 80 -1.42 5.51 -3.78
C GLN A 80 -1.44 6.57 -4.86
N ALA A 81 -1.11 7.81 -4.51
CA ALA A 81 -1.14 8.87 -5.52
C ALA A 81 -0.06 8.65 -6.60
N GLY A 82 0.93 7.82 -6.28
CA GLY A 82 1.99 7.48 -7.20
C GLY A 82 2.97 8.61 -7.47
N LEU A 83 3.45 9.23 -6.41
CA LEU A 83 4.42 10.32 -6.49
C LEU A 83 5.72 10.01 -5.76
N ALA A 84 6.79 10.68 -6.18
CA ALA A 84 8.10 10.48 -5.59
C ALA A 84 8.33 11.43 -4.41
N ARG A 85 7.88 12.68 -4.55
CA ARG A 85 8.15 13.69 -3.53
C ARG A 85 7.05 14.74 -3.38
N VAL A 86 6.87 15.23 -2.17
CA VAL A 86 6.07 16.42 -1.90
C VAL A 86 6.69 17.27 -0.80
N PHE A 87 6.41 18.57 -0.81
CA PHE A 87 6.78 19.43 0.31
C PHE A 87 5.96 19.07 1.54
N ILE A 88 6.56 19.23 2.71
CA ILE A 88 5.83 19.12 3.97
C ILE A 88 6.28 20.25 4.89
N GLY A 89 5.60 20.39 6.02
CA GLY A 89 5.83 21.55 6.87
C GLY A 89 6.96 21.39 7.85
N ILE A 90 8.18 21.29 7.34
CA ILE A 90 9.38 21.28 8.17
C ILE A 90 10.49 22.11 7.52
N ASN A 91 11.22 22.86 8.34
CA ASN A 91 12.26 23.75 7.87
C ASN A 91 13.22 24.17 8.97
N ASP A 92 14.38 24.67 8.58
CA ASP A 92 15.30 25.33 9.52
C ASP A 92 15.69 26.68 8.94
N LEU A 93 14.67 27.41 8.47
CA LEU A 93 14.84 28.69 7.81
C LEU A 93 15.38 29.77 8.73
N GLU A 94 14.90 29.80 9.97
CA GLU A 94 15.34 30.80 10.93
C GLU A 94 16.76 30.52 11.40
N LYS A 95 16.96 29.34 11.98
CA LYS A 95 18.28 28.95 12.47
C LYS A 95 18.75 27.64 11.85
N GLU A 96 19.77 27.72 11.01
CA GLU A 96 20.37 26.55 10.38
C GLU A 96 20.67 25.44 11.37
N GLY A 97 20.27 24.21 11.03
CA GLY A 97 20.48 23.07 11.90
C GLY A 97 19.35 22.88 12.90
N ALA A 98 18.63 23.95 13.20
CA ALA A 98 17.52 23.89 14.13
C ALA A 98 16.19 23.80 13.37
N PHE A 99 15.66 22.59 13.26
CA PHE A 99 14.45 22.36 12.49
C PHE A 99 13.17 22.55 13.32
N VAL A 100 12.11 22.95 12.63
CA VAL A 100 10.83 23.29 13.24
C VAL A 100 9.70 22.90 12.30
N TYR A 101 8.50 22.75 12.85
CA TYR A 101 7.32 22.48 12.03
C TYR A 101 6.76 23.80 11.49
N SER A 102 5.82 23.70 10.55
CA SER A 102 5.27 24.89 9.90
C SER A 102 4.59 25.84 10.88
N ASP A 103 3.96 25.28 11.93
CA ASP A 103 3.30 26.08 12.95
C ASP A 103 4.23 26.66 14.01
N HIS A 104 5.54 26.57 13.73
CA HIS A 104 6.60 27.06 14.61
C HIS A 104 6.87 26.18 15.83
N SER A 105 6.05 25.14 16.02
CA SER A 105 6.32 24.19 17.11
C SER A 105 7.64 23.47 16.85
N PRO A 106 8.48 23.39 17.89
CA PRO A 106 9.85 22.87 17.75
C PRO A 106 9.90 21.39 17.36
N MET A 107 11.02 20.99 16.78
CA MET A 107 11.27 19.60 16.46
C MET A 107 11.43 18.79 17.74
N ARG A 108 11.08 17.51 17.70
CA ARG A 108 11.13 16.68 18.90
C ARG A 108 11.97 15.43 18.64
N THR A 109 11.80 14.41 19.47
CA THR A 109 12.59 13.19 19.35
C THR A 109 12.17 12.37 18.14
N PHE A 110 10.87 12.33 17.87
CA PHE A 110 10.37 11.63 16.69
C PHE A 110 10.87 12.28 15.40
N ASN A 111 11.34 11.46 14.47
CA ASN A 111 11.74 11.93 13.15
C ASN A 111 11.73 10.79 12.15
N LYS A 112 11.91 11.13 10.88
CA LYS A 112 11.95 10.13 9.83
C LYS A 112 12.95 10.50 8.74
N TRP A 113 14.03 11.16 9.15
CA TRP A 113 15.11 11.48 8.22
C TRP A 113 15.62 10.22 7.54
N ARG A 114 15.86 10.31 6.23
CA ARG A 114 16.56 9.24 5.54
C ARG A 114 18.02 9.22 5.99
N SER A 115 18.73 8.14 5.67
CA SER A 115 20.13 8.00 6.05
C SER A 115 20.98 9.14 5.53
N GLY A 116 21.67 9.83 6.43
CA GLY A 116 22.55 10.92 6.05
C GLY A 116 21.88 12.28 6.10
N GLU A 117 20.58 12.29 6.39
CA GLU A 117 19.81 13.54 6.41
C GLU A 117 19.49 14.00 7.83
N PRO A 118 19.38 15.32 8.04
CA PRO A 118 19.51 16.38 7.04
C PRO A 118 20.97 16.79 6.81
N ASN A 119 21.33 17.07 5.55
CA ASN A 119 22.73 17.33 5.23
C ASN A 119 23.04 18.73 4.68
N ASN A 120 22.04 19.61 4.72
CA ASN A 120 22.17 20.99 4.24
C ASN A 120 23.00 21.12 2.95
N ALA A 121 22.70 20.25 1.97
CA ALA A 121 23.46 20.17 0.71
C ALA A 121 23.72 21.52 0.07
N TYR A 122 24.99 21.79 -0.22
CA TYR A 122 25.46 23.06 -0.81
C TYR A 122 25.07 24.26 0.04
N ASP A 123 24.88 24.05 1.34
CA ASP A 123 24.46 25.10 2.26
C ASP A 123 23.28 25.89 1.70
N GLU A 124 22.35 25.19 1.07
CA GLU A 124 21.18 25.83 0.46
C GLU A 124 19.89 25.02 0.65
N GLU A 125 19.85 24.19 1.68
CA GLU A 125 18.68 23.35 1.91
C GLU A 125 18.04 23.61 3.27
N ASP A 126 17.00 24.43 3.26
CA ASP A 126 16.32 24.79 4.50
C ASP A 126 14.85 24.41 4.51
N CYS A 127 14.43 23.56 3.58
CA CYS A 127 13.03 23.13 3.55
C CYS A 127 13.00 21.61 3.56
N VAL A 128 11.83 21.00 3.77
CA VAL A 128 11.81 19.53 3.85
C VAL A 128 10.79 18.87 2.91
N GLU A 129 11.24 17.79 2.26
CA GLU A 129 10.37 16.97 1.42
C GLU A 129 10.15 15.60 2.04
N MET A 130 9.00 15.02 1.75
CA MET A 130 8.75 13.62 2.05
C MET A 130 8.82 12.80 0.75
N VAL A 131 9.42 11.62 0.83
CA VAL A 131 9.54 10.76 -0.32
C VAL A 131 8.65 9.54 -0.17
N ALA A 132 8.52 8.77 -1.24
CA ALA A 132 7.64 7.59 -1.31
C ALA A 132 7.70 6.72 -0.06
N SER A 133 8.91 6.40 0.38
CA SER A 133 9.11 5.56 1.55
C SER A 133 8.50 6.15 2.83
N GLY A 134 8.36 7.47 2.86
CA GLY A 134 7.85 8.14 4.04
C GLY A 134 8.96 8.86 4.78
N GLY A 135 10.18 8.72 4.28
CA GLY A 135 11.34 9.36 4.87
C GLY A 135 11.42 10.84 4.53
N TRP A 136 12.14 11.59 5.35
CA TRP A 136 12.31 13.02 5.12
C TRP A 136 13.65 13.33 4.49
N ASN A 137 13.71 14.42 3.74
CA ASN A 137 14.98 14.93 3.24
C ASN A 137 14.93 16.44 3.11
N ASP A 138 15.96 17.13 3.59
CA ASP A 138 16.00 18.57 3.40
C ASP A 138 16.40 18.92 1.98
N VAL A 139 15.81 19.99 1.47
CA VAL A 139 15.95 20.42 0.08
C VAL A 139 15.91 21.93 0.03
N ALA A 140 16.28 22.47 -1.13
CA ALA A 140 16.29 23.91 -1.34
C ALA A 140 14.85 24.42 -1.37
N CYS A 141 14.60 25.52 -0.67
CA CYS A 141 13.27 26.10 -0.62
C CYS A 141 12.78 26.55 -1.99
N HIS A 142 13.72 26.94 -2.85
CA HIS A 142 13.38 27.40 -4.19
C HIS A 142 13.05 26.23 -5.13
N THR A 143 13.23 25.01 -4.65
CA THR A 143 12.80 23.82 -5.40
C THR A 143 11.30 23.90 -5.65
N THR A 144 10.86 23.36 -6.77
CA THR A 144 9.45 23.37 -7.12
C THR A 144 8.89 21.96 -7.23
N MET A 145 7.82 21.68 -6.48
CA MET A 145 7.16 20.38 -6.53
C MET A 145 5.73 20.42 -5.94
N TYR A 146 5.04 19.28 -5.99
CA TYR A 146 3.72 19.14 -5.39
C TYR A 146 3.79 19.26 -3.87
N PHE A 147 2.63 19.44 -3.22
CA PHE A 147 2.68 19.55 -1.75
C PHE A 147 1.47 18.99 -1.03
N MET A 148 1.56 18.86 0.29
CA MET A 148 0.46 18.33 1.07
C MET A 148 0.06 19.24 2.23
N CYS A 149 -1.24 19.55 2.30
CA CYS A 149 -1.78 20.39 3.36
C CYS A 149 -2.45 19.57 4.46
N GLU A 150 -2.54 20.18 5.63
CA GLU A 150 -3.10 19.51 6.81
C GLU A 150 -4.15 20.42 7.45
N PHE A 151 -5.24 19.82 7.88
CA PHE A 151 -6.36 20.58 8.42
C PHE A 151 -6.86 20.05 9.75
N ASP A 152 -7.09 20.96 10.68
CA ASP A 152 -7.71 20.66 11.97
C ASP A 152 -9.23 20.66 11.79
N LYS A 153 -9.90 19.70 12.41
CA LYS A 153 -11.37 19.69 12.37
C LYS A 153 -11.97 20.52 13.51
N GLU A 154 -11.55 21.76 13.62
CA GLU A 154 -12.07 22.67 14.63
C GLU A 154 -12.52 23.99 14.04
N SER B 1 -38.55 6.06 21.22
CA SER B 1 -37.18 6.37 21.58
C SER B 1 -36.22 5.55 20.72
N GLN B 2 -36.79 4.79 19.79
CA GLN B 2 -36.03 4.11 18.74
C GLN B 2 -36.00 5.05 17.55
N LEU B 3 -37.10 5.78 17.39
CA LEU B 3 -37.27 6.74 16.31
C LEU B 3 -36.51 8.02 16.64
N ARG B 4 -36.45 8.31 17.94
CA ARG B 4 -35.74 9.48 18.44
C ARG B 4 -34.27 9.41 18.04
N LYS B 5 -33.66 8.24 18.23
CA LYS B 5 -32.24 8.06 17.96
C LYS B 5 -31.95 8.01 16.46
N ALA B 6 -32.86 7.44 15.71
CA ALA B 6 -32.74 7.42 14.26
C ALA B 6 -32.76 8.84 13.71
N ILE B 7 -33.61 9.67 14.31
CA ILE B 7 -33.75 11.05 13.86
C ILE B 7 -32.55 11.87 14.30
N GLY B 8 -32.12 11.67 15.54
CA GLY B 8 -30.91 12.30 16.03
C GLY B 8 -29.70 12.00 15.15
N GLU B 9 -29.56 10.73 14.79
CA GLU B 9 -28.47 10.29 13.92
C GLU B 9 -28.57 10.86 12.51
N MET B 10 -29.79 11.01 12.02
CA MET B 10 -29.96 11.62 10.70
C MET B 10 -29.57 13.09 10.77
N ASP B 11 -29.98 13.77 11.84
CA ASP B 11 -29.58 15.14 12.11
C ASP B 11 -28.06 15.29 12.12
N ASN B 12 -27.40 14.37 12.81
CA ASN B 12 -25.95 14.32 12.84
C ASN B 12 -25.39 14.19 11.42
N GLN B 13 -25.98 13.29 10.65
CA GLN B 13 -25.59 13.11 9.25
C GLN B 13 -25.70 14.41 8.44
N VAL B 14 -26.79 15.16 8.63
CA VAL B 14 -26.97 16.40 7.88
C VAL B 14 -25.97 17.48 8.31
N SER B 15 -25.75 17.62 9.61
CA SER B 15 -24.71 18.51 10.13
C SER B 15 -23.34 18.17 9.52
N GLN B 16 -23.02 16.88 9.57
CA GLN B 16 -21.78 16.33 9.04
C GLN B 16 -21.60 16.70 7.58
N LEU B 17 -22.60 16.39 6.76
CA LEU B 17 -22.59 16.75 5.34
C LEU B 17 -22.42 18.24 5.13
N THR B 18 -23.09 19.05 5.93
CA THR B 18 -22.93 20.49 5.83
C THR B 18 -21.47 20.89 6.00
N SER B 19 -20.83 20.34 7.03
CA SER B 19 -19.44 20.70 7.32
C SER B 19 -18.50 20.22 6.22
N GLU B 20 -18.62 18.96 5.84
CA GLU B 20 -17.79 18.38 4.79
C GLU B 20 -17.97 19.09 3.45
N LEU B 21 -19.20 19.47 3.14
CA LEU B 21 -19.51 20.21 1.93
C LEU B 21 -18.81 21.57 1.95
N LYS B 22 -18.87 22.23 3.11
CA LYS B 22 -18.23 23.52 3.27
C LYS B 22 -16.72 23.39 3.07
N PHE B 23 -16.17 22.33 3.64
CA PHE B 23 -14.76 22.00 3.48
C PHE B 23 -14.37 21.83 2.02
N ILE B 24 -15.10 20.97 1.31
CA ILE B 24 -14.86 20.75 -0.12
C ILE B 24 -14.91 22.05 -0.91
N LYS B 25 -15.86 22.92 -0.57
CA LYS B 25 -15.96 24.21 -1.26
C LYS B 25 -14.73 25.08 -1.00
N ASN B 26 -14.35 25.19 0.27
CA ASN B 26 -13.31 26.14 0.66
C ASN B 26 -11.90 25.57 0.53
N ALA B 27 -11.66 24.43 1.14
CA ALA B 27 -10.33 23.85 1.19
C ALA B 27 -9.90 23.22 -0.12
N VAL B 28 -10.79 22.45 -0.75
CA VAL B 28 -10.41 21.76 -1.98
C VAL B 28 -10.56 22.66 -3.20
N ALA B 29 -11.79 23.07 -3.50
CA ALA B 29 -12.05 23.83 -4.71
C ALA B 29 -11.59 25.28 -4.59
N GLY B 30 -11.25 25.70 -3.37
CA GLY B 30 -10.82 27.06 -3.11
C GLY B 30 -11.65 28.17 -3.71
N VAL B 31 -12.96 27.97 -3.76
CA VAL B 31 -13.85 28.96 -4.35
C VAL B 31 -14.04 30.16 -3.44
N ARG B 32 -14.70 31.19 -3.96
CA ARG B 32 -15.06 32.34 -3.16
C ARG B 32 -16.55 32.57 -3.33
N GLU B 33 -17.21 32.87 -2.23
CA GLU B 33 -18.66 32.89 -2.19
C GLU B 33 -19.14 34.16 -1.54
N THR B 34 -20.16 34.78 -2.13
CA THR B 34 -20.90 35.86 -1.48
C THR B 34 -22.25 35.34 -1.06
N GLU B 35 -23.10 36.23 -0.54
CA GLU B 35 -24.45 35.86 -0.15
C GLU B 35 -25.26 35.38 -1.36
N SER B 36 -25.00 35.97 -2.51
CA SER B 36 -25.79 35.68 -3.70
C SER B 36 -25.02 34.96 -4.82
N LYS B 37 -23.70 34.90 -4.72
CA LYS B 37 -22.90 34.39 -5.84
C LYS B 37 -21.73 33.51 -5.43
N ILE B 38 -21.27 32.69 -6.37
CA ILE B 38 -20.06 31.90 -6.18
C ILE B 38 -19.05 32.20 -7.28
N TYR B 39 -17.77 32.33 -6.92
CA TYR B 39 -16.73 32.64 -7.89
C TYR B 39 -15.70 31.53 -7.95
N LEU B 40 -15.32 31.13 -9.17
CA LEU B 40 -14.42 30.00 -9.35
C LEU B 40 -13.28 30.29 -10.31
N LEU B 41 -12.04 30.10 -9.83
CA LEU B 41 -10.88 30.23 -10.70
C LEU B 41 -10.63 28.92 -11.43
N VAL B 42 -10.53 28.98 -12.76
CA VAL B 42 -10.17 27.81 -13.53
C VAL B 42 -8.74 27.95 -14.04
N LYS B 43 -7.87 27.04 -13.61
CA LYS B 43 -6.47 27.12 -13.96
C LYS B 43 -6.17 26.31 -15.20
N GLU B 44 -6.76 26.75 -16.31
CA GLU B 44 -6.53 26.18 -17.63
C GLU B 44 -6.39 27.33 -18.62
N GLU B 45 -5.24 27.44 -19.28
CA GLU B 45 -5.04 28.51 -20.25
C GLU B 45 -5.93 28.34 -21.48
N LYS B 46 -6.79 29.32 -21.71
CA LYS B 46 -7.73 29.26 -22.81
C LYS B 46 -7.92 30.64 -23.43
N ARG B 47 -8.53 30.68 -24.61
CA ARG B 47 -8.90 31.94 -25.24
C ARG B 47 -10.30 32.31 -24.81
N TYR B 48 -10.63 33.59 -24.90
CA TYR B 48 -11.88 34.14 -24.36
C TYR B 48 -13.11 33.28 -24.64
N ALA B 49 -13.37 33.00 -25.91
CA ALA B 49 -14.57 32.26 -26.29
C ALA B 49 -14.59 30.86 -25.68
N ASP B 50 -13.42 30.23 -25.63
CA ASP B 50 -13.28 28.91 -25.01
C ASP B 50 -13.60 29.00 -23.53
N ALA B 51 -13.05 30.03 -22.88
CA ALA B 51 -13.29 30.27 -21.46
C ALA B 51 -14.78 30.46 -21.16
N GLN B 52 -15.45 31.28 -21.96
CA GLN B 52 -16.87 31.53 -21.80
C GLN B 52 -17.68 30.25 -22.00
N LEU B 53 -17.30 29.45 -22.99
CA LEU B 53 -17.97 28.18 -23.21
C LEU B 53 -17.79 27.24 -22.03
N SER B 54 -16.57 27.19 -21.50
CA SER B 54 -16.25 26.39 -20.32
C SER B 54 -17.08 26.80 -19.11
N CYS B 55 -17.20 28.11 -18.89
CA CYS B 55 -18.03 28.63 -17.82
C CYS B 55 -19.48 28.23 -18.01
N GLN B 56 -19.96 28.34 -19.25
CA GLN B 56 -21.34 27.98 -19.58
C GLN B 56 -21.62 26.50 -19.34
N GLY B 57 -20.68 25.64 -19.74
CA GLY B 57 -20.78 24.21 -19.49
C GLY B 57 -20.90 23.90 -18.02
N ARG B 58 -20.26 24.70 -17.18
CA ARG B 58 -20.38 24.59 -15.74
C ARG B 58 -21.64 25.28 -15.22
N GLY B 59 -22.48 25.75 -16.13
CA GLY B 59 -23.72 26.43 -15.74
C GLY B 59 -23.52 27.83 -15.21
N GLY B 60 -22.48 28.51 -15.68
CA GLY B 60 -22.22 29.89 -15.30
C GLY B 60 -21.75 30.73 -16.47
N THR B 61 -21.14 31.87 -16.15
CA THR B 61 -20.50 32.73 -17.15
C THR B 61 -19.17 33.25 -16.62
N LEU B 62 -18.40 33.91 -17.49
CA LEU B 62 -17.19 34.60 -17.05
C LEU B 62 -17.57 35.70 -16.08
N SER B 63 -16.72 35.93 -15.08
CA SER B 63 -17.06 36.79 -13.95
C SER B 63 -17.42 38.21 -14.37
N MET B 64 -18.47 38.74 -13.76
CA MET B 64 -18.93 40.09 -14.05
C MET B 64 -18.88 40.97 -12.80
N PRO B 65 -17.82 41.79 -12.70
CA PRO B 65 -17.71 42.75 -11.59
C PRO B 65 -18.51 44.02 -11.86
N LYS B 66 -19.74 44.04 -11.34
CA LYS B 66 -20.65 45.16 -11.56
C LYS B 66 -20.60 46.20 -10.44
N ASP B 67 -19.96 45.84 -9.32
CA ASP B 67 -19.81 46.75 -8.20
C ASP B 67 -18.46 46.56 -7.52
N GLU B 68 -18.09 47.50 -6.66
CA GLU B 68 -16.77 47.51 -6.02
C GLU B 68 -16.50 46.26 -5.17
N ALA B 69 -17.53 45.75 -4.50
CA ALA B 69 -17.36 44.62 -3.59
C ALA B 69 -16.97 43.37 -4.35
N ALA B 70 -17.71 43.08 -5.42
CA ALA B 70 -17.40 41.97 -6.31
C ALA B 70 -15.97 42.08 -6.80
N ASN B 71 -15.65 43.20 -7.46
CA ASN B 71 -14.33 43.44 -8.02
C ASN B 71 -13.20 43.24 -7.01
N GLY B 72 -13.41 43.71 -5.78
CA GLY B 72 -12.41 43.58 -4.74
C GLY B 72 -12.24 42.14 -4.32
N LEU B 73 -13.36 41.42 -4.26
CA LEU B 73 -13.32 39.99 -3.97
C LEU B 73 -12.51 39.23 -5.02
N MET B 74 -12.81 39.50 -6.29
CA MET B 74 -12.10 38.89 -7.40
C MET B 74 -10.60 39.20 -7.33
N ALA B 75 -10.30 40.44 -6.99
CA ALA B 75 -8.91 40.88 -6.82
C ALA B 75 -8.18 40.11 -5.72
N ALA B 76 -8.84 39.93 -4.58
CA ALA B 76 -8.25 39.18 -3.46
C ALA B 76 -8.03 37.71 -3.82
N TYR B 77 -9.01 37.15 -4.53
CA TYR B 77 -9.00 35.78 -4.99
C TYR B 77 -7.77 35.57 -5.89
N LEU B 78 -7.63 36.48 -6.85
CA LEU B 78 -6.49 36.50 -7.76
C LEU B 78 -5.16 36.61 -7.03
N ALA B 79 -5.11 37.54 -6.08
CA ALA B 79 -3.92 37.77 -5.28
C ALA B 79 -3.44 36.51 -4.56
N GLN B 80 -4.28 35.99 -3.66
CA GLN B 80 -3.93 34.80 -2.92
C GLN B 80 -3.60 33.62 -3.85
N ALA B 81 -4.33 33.48 -4.95
CA ALA B 81 -4.06 32.38 -5.88
C ALA B 81 -2.69 32.55 -6.54
N GLY B 82 -2.14 33.76 -6.42
CA GLY B 82 -0.82 34.07 -6.94
C GLY B 82 -0.78 34.13 -8.45
N LEU B 83 -1.71 34.89 -9.03
CA LEU B 83 -1.78 35.01 -10.48
C LEU B 83 -1.60 36.45 -10.92
N ALA B 84 -1.12 36.63 -12.14
CA ALA B 84 -0.91 37.97 -12.69
C ALA B 84 -2.15 38.45 -13.43
N ARG B 85 -2.78 37.55 -14.18
CA ARG B 85 -3.91 37.91 -15.01
C ARG B 85 -4.91 36.76 -15.18
N VAL B 86 -6.19 37.12 -15.32
CA VAL B 86 -7.21 36.19 -15.77
C VAL B 86 -8.22 36.89 -16.67
N PHE B 87 -8.85 36.12 -17.55
CA PHE B 87 -9.98 36.63 -18.33
C PHE B 87 -11.17 36.90 -17.41
N ILE B 88 -11.96 37.91 -17.76
CA ILE B 88 -13.23 38.13 -17.07
C ILE B 88 -14.30 38.45 -18.11
N GLY B 89 -15.54 38.53 -17.68
CA GLY B 89 -16.66 38.64 -18.61
C GLY B 89 -16.94 40.06 -19.03
N ILE B 90 -15.99 40.66 -19.74
CA ILE B 90 -16.20 41.97 -20.34
C ILE B 90 -15.57 42.02 -21.74
N ASN B 91 -16.29 42.65 -22.67
CA ASN B 91 -15.86 42.71 -24.06
C ASN B 91 -16.61 43.81 -24.83
N ASP B 92 -16.06 44.21 -25.97
CA ASP B 92 -16.76 45.07 -26.91
C ASP B 92 -16.72 44.44 -28.30
N LEU B 93 -16.98 43.14 -28.34
CA LEU B 93 -16.90 42.34 -29.56
C LEU B 93 -17.91 42.73 -30.63
N GLU B 94 -19.13 43.04 -30.20
CA GLU B 94 -20.18 43.40 -31.14
C GLU B 94 -19.92 44.79 -31.71
N LYS B 95 -19.84 45.78 -30.82
CA LYS B 95 -19.60 47.16 -31.24
C LYS B 95 -18.36 47.73 -30.54
N GLU B 96 -17.31 47.97 -31.34
CA GLU B 96 -16.08 48.57 -30.85
C GLU B 96 -16.31 49.83 -30.01
N GLY B 97 -15.65 49.89 -28.86
CA GLY B 97 -15.79 51.03 -27.96
C GLY B 97 -16.95 50.89 -27.00
N ALA B 98 -17.94 50.08 -27.36
CA ALA B 98 -19.10 49.86 -26.52
C ALA B 98 -18.95 48.56 -25.75
N PHE B 99 -18.52 48.67 -24.49
CA PHE B 99 -18.25 47.48 -23.69
C PHE B 99 -19.48 46.97 -22.96
N VAL B 100 -19.50 45.66 -22.75
CA VAL B 100 -20.65 44.96 -22.17
C VAL B 100 -20.15 43.80 -21.32
N TYR B 101 -21.00 43.34 -20.41
CA TYR B 101 -20.68 42.18 -19.59
C TYR B 101 -21.00 40.91 -20.38
N SER B 102 -20.59 39.76 -19.85
CA SER B 102 -20.78 38.49 -20.54
C SER B 102 -22.26 38.16 -20.76
N ASP B 103 -23.11 38.57 -19.82
CA ASP B 103 -24.55 38.33 -19.95
C ASP B 103 -25.25 39.35 -20.84
N HIS B 104 -24.45 40.14 -21.56
CA HIS B 104 -24.90 41.17 -22.50
C HIS B 104 -25.43 42.45 -21.83
N SER B 105 -25.52 42.45 -20.51
CA SER B 105 -25.91 43.67 -19.79
C SER B 105 -24.86 44.76 -20.01
N PRO B 106 -25.30 45.98 -20.34
CA PRO B 106 -24.40 47.07 -20.73
C PRO B 106 -23.46 47.52 -19.60
N MET B 107 -22.35 48.13 -19.99
CA MET B 107 -21.43 48.73 -19.03
C MET B 107 -22.09 49.94 -18.37
N ARG B 108 -21.68 50.24 -17.15
CA ARG B 108 -22.31 51.32 -16.38
C ARG B 108 -21.25 52.31 -15.95
N THR B 109 -21.56 53.12 -14.94
CA THR B 109 -20.63 54.14 -14.48
C THR B 109 -19.45 53.50 -13.76
N PHE B 110 -19.72 52.46 -12.98
CA PHE B 110 -18.66 51.74 -12.29
C PHE B 110 -17.71 51.06 -13.27
N ASN B 111 -16.42 51.21 -13.01
CA ASN B 111 -15.39 50.53 -13.78
C ASN B 111 -14.10 50.48 -12.98
N LYS B 112 -13.12 49.73 -13.49
CA LYS B 112 -11.83 49.60 -12.83
C LYS B 112 -10.71 49.55 -13.87
N TRP B 113 -10.91 50.26 -14.98
CA TRP B 113 -9.89 50.36 -16.02
C TRP B 113 -8.58 50.85 -15.44
N ARG B 114 -7.48 50.25 -15.87
CA ARG B 114 -6.16 50.76 -15.52
C ARG B 114 -5.97 52.09 -16.24
N SER B 115 -4.96 52.85 -15.83
CA SER B 115 -4.69 54.13 -16.46
C SER B 115 -4.42 53.97 -17.96
N GLY B 116 -5.20 54.67 -18.78
CA GLY B 116 -5.04 54.63 -20.21
C GLY B 116 -5.90 53.59 -20.90
N GLU B 117 -6.64 52.82 -20.10
CA GLU B 117 -7.47 51.73 -20.63
C GLU B 117 -8.96 52.08 -20.61
N PRO B 118 -9.74 51.53 -21.54
CA PRO B 118 -9.31 50.59 -22.59
C PRO B 118 -8.76 51.32 -23.81
N ASN B 119 -7.72 50.79 -24.43
CA ASN B 119 -7.05 51.50 -25.52
C ASN B 119 -7.10 50.83 -26.88
N ASN B 120 -7.87 49.74 -26.99
CA ASN B 120 -8.01 48.99 -28.24
C ASN B 120 -6.71 48.86 -29.04
N ALA B 121 -5.63 48.54 -28.34
CA ALA B 121 -4.29 48.50 -28.92
C ALA B 121 -4.22 47.76 -30.26
N TYR B 122 -3.71 48.47 -31.27
CA TYR B 122 -3.60 47.96 -32.64
C TYR B 122 -4.94 47.50 -33.22
N ASP B 123 -6.02 48.09 -32.72
CA ASP B 123 -7.38 47.76 -33.14
C ASP B 123 -7.63 46.24 -33.14
N GLU B 124 -7.12 45.57 -32.11
CA GLU B 124 -7.29 44.12 -32.01
C GLU B 124 -7.55 43.67 -30.58
N GLU B 125 -8.07 44.58 -29.76
CA GLU B 125 -8.34 44.25 -28.36
C GLU B 125 -9.81 44.41 -28.02
N ASP B 126 -10.53 43.29 -28.04
CA ASP B 126 -11.96 43.31 -27.76
C ASP B 126 -12.36 42.42 -26.58
N CYS B 127 -11.40 42.00 -25.77
CA CYS B 127 -11.72 41.19 -24.59
C CYS B 127 -11.12 41.84 -23.36
N VAL B 128 -11.50 41.40 -22.16
CA VAL B 128 -10.95 42.07 -20.97
C VAL B 128 -10.31 41.13 -19.94
N GLU B 129 -9.15 41.54 -19.44
CA GLU B 129 -8.43 40.82 -18.39
C GLU B 129 -8.45 41.59 -17.08
N MET B 130 -8.42 40.87 -15.98
CA MET B 130 -8.18 41.46 -14.67
C MET B 130 -6.77 41.14 -14.22
N VAL B 131 -6.09 42.11 -13.63
CA VAL B 131 -4.73 41.91 -13.16
C VAL B 131 -4.70 41.91 -11.64
N ALA B 132 -3.54 41.54 -11.08
CA ALA B 132 -3.33 41.39 -9.64
C ALA B 132 -3.97 42.52 -8.82
N SER B 133 -3.72 43.75 -9.23
CA SER B 133 -4.24 44.93 -8.54
C SER B 133 -5.77 44.96 -8.50
N GLY B 134 -6.40 44.31 -9.48
CA GLY B 134 -7.84 44.33 -9.59
C GLY B 134 -8.32 45.20 -10.74
N GLY B 135 -7.36 45.86 -11.41
CA GLY B 135 -7.68 46.72 -12.54
C GLY B 135 -8.01 45.94 -13.79
N TRP B 136 -8.72 46.59 -14.71
CA TRP B 136 -9.09 45.95 -15.97
C TRP B 136 -8.19 46.40 -17.12
N ASN B 137 -8.05 45.53 -18.12
CA ASN B 137 -7.38 45.92 -19.35
C ASN B 137 -7.93 45.19 -20.55
N ASP B 138 -8.19 45.90 -21.63
CA ASP B 138 -8.62 45.22 -22.85
C ASP B 138 -7.41 44.56 -23.51
N VAL B 139 -7.65 43.39 -24.10
CA VAL B 139 -6.61 42.56 -24.68
C VAL B 139 -7.22 41.84 -25.87
N ALA B 140 -6.35 41.23 -26.67
CA ALA B 140 -6.79 40.47 -27.83
C ALA B 140 -7.50 39.20 -27.36
N CYS B 141 -8.64 38.93 -27.98
CA CYS B 141 -9.44 37.75 -27.62
C CYS B 141 -8.68 36.45 -27.87
N HIS B 142 -7.76 36.47 -28.83
CA HIS B 142 -6.97 35.28 -29.15
C HIS B 142 -5.84 35.02 -28.14
N THR B 143 -5.65 35.92 -27.18
CA THR B 143 -4.71 35.68 -26.08
C THR B 143 -5.14 34.45 -25.27
N THR B 144 -4.18 33.72 -24.70
CA THR B 144 -4.49 32.54 -23.89
C THR B 144 -4.07 32.76 -22.43
N MET B 145 -5.01 32.57 -21.52
CA MET B 145 -4.72 32.64 -20.09
C MET B 145 -5.81 31.97 -19.24
N TYR B 146 -5.60 31.95 -17.93
CA TYR B 146 -6.60 31.44 -17.00
C TYR B 146 -7.83 32.34 -17.01
N PHE B 147 -8.92 31.86 -16.44
CA PHE B 147 -10.15 32.65 -16.38
C PHE B 147 -10.92 32.38 -15.09
N MET B 148 -11.93 33.20 -14.83
CA MET B 148 -12.75 33.08 -13.64
C MET B 148 -14.23 33.04 -13.99
N CYS B 149 -14.93 32.04 -13.48
CA CYS B 149 -16.37 31.90 -13.72
C CYS B 149 -17.18 32.39 -12.53
N GLU B 150 -18.42 32.76 -12.80
CA GLU B 150 -19.32 33.32 -11.80
C GLU B 150 -20.65 32.57 -11.85
N PHE B 151 -21.22 32.30 -10.67
CA PHE B 151 -22.44 31.50 -10.57
C PHE B 151 -23.51 32.15 -9.69
N ASP B 152 -24.75 32.10 -10.18
CA ASP B 152 -25.93 32.52 -9.43
C ASP B 152 -26.41 31.37 -8.54
N LYS B 153 -26.83 31.68 -7.32
CA LYS B 153 -27.34 30.66 -6.40
C LYS B 153 -28.82 30.36 -6.57
N GLU B 154 -29.20 29.85 -7.73
CA GLU B 154 -30.59 29.50 -8.00
C GLU B 154 -30.72 28.47 -9.12
N SER C 1 42.98 1.61 29.62
CA SER C 1 42.59 0.80 30.77
C SER C 1 42.28 -0.63 30.36
N GLN C 2 42.02 -1.48 31.36
CA GLN C 2 41.55 -2.84 31.13
C GLN C 2 40.03 -2.89 31.16
N LEU C 3 39.44 -2.07 32.03
CA LEU C 3 38.00 -2.04 32.20
C LEU C 3 37.35 -1.26 31.07
N ARG C 4 38.07 -0.27 30.56
CA ARG C 4 37.63 0.53 29.43
C ARG C 4 37.39 -0.37 28.21
N LYS C 5 38.35 -1.25 27.93
CA LYS C 5 38.24 -2.12 26.76
C LYS C 5 37.24 -3.26 26.97
N ALA C 6 37.10 -3.74 28.20
CA ALA C 6 36.07 -4.74 28.49
C ALA C 6 34.68 -4.15 28.24
N ILE C 7 34.49 -2.90 28.64
CA ILE C 7 33.20 -2.25 28.50
C ILE C 7 32.95 -1.92 27.04
N GLY C 8 33.97 -1.41 26.37
CA GLY C 8 33.92 -1.18 24.94
C GLY C 8 33.54 -2.44 24.17
N GLU C 9 34.13 -3.56 24.57
CA GLU C 9 33.91 -4.84 23.92
C GLU C 9 32.46 -5.30 24.11
N MET C 10 31.93 -5.04 25.30
CA MET C 10 30.53 -5.37 25.57
C MET C 10 29.59 -4.48 24.74
N ASP C 11 29.90 -3.19 24.67
CA ASP C 11 29.17 -2.25 23.82
C ASP C 11 29.12 -2.73 22.38
N ASN C 12 30.27 -3.16 21.87
CA ASN C 12 30.35 -3.73 20.53
C ASN C 12 29.42 -4.93 20.39
N GLN C 13 29.46 -5.83 21.37
CA GLN C 13 28.56 -6.98 21.37
C GLN C 13 27.07 -6.56 21.30
N VAL C 14 26.68 -5.55 22.06
CA VAL C 14 25.29 -5.13 22.09
C VAL C 14 24.84 -4.47 20.77
N SER C 15 25.70 -3.60 20.24
CA SER C 15 25.48 -3.01 18.91
C SER C 15 25.29 -4.11 17.85
N GLN C 16 26.22 -5.06 17.86
CA GLN C 16 26.23 -6.19 16.96
C GLN C 16 24.91 -6.96 17.03
N LEU C 17 24.54 -7.36 18.25
CA LEU C 17 23.31 -8.09 18.48
C LEU C 17 22.11 -7.31 17.96
N THR C 18 22.09 -6.00 18.22
CA THR C 18 21.01 -5.15 17.71
C THR C 18 20.89 -5.21 16.19
N SER C 19 22.03 -5.08 15.51
CA SER C 19 22.02 -5.07 14.05
C SER C 19 21.58 -6.41 13.48
N GLU C 20 22.19 -7.49 13.96
CA GLU C 20 21.84 -8.84 13.50
C GLU C 20 20.38 -9.19 13.77
N LEU C 21 19.87 -8.78 14.93
CA LEU C 21 18.46 -8.99 15.25
C LEU C 21 17.53 -8.24 14.32
N LYS C 22 17.88 -6.99 14.03
CA LYS C 22 17.09 -6.17 13.11
C LYS C 22 17.08 -6.85 11.75
N PHE C 23 18.24 -7.35 11.35
CA PHE C 23 18.39 -8.10 10.12
C PHE C 23 17.44 -9.29 10.08
N ILE C 24 17.50 -10.14 11.11
CA ILE C 24 16.61 -11.29 11.20
C ILE C 24 15.14 -10.92 11.10
N LYS C 25 14.74 -9.85 11.78
CA LYS C 25 13.35 -9.40 11.72
C LYS C 25 12.96 -8.97 10.32
N ASN C 26 13.79 -8.14 9.71
CA ASN C 26 13.45 -7.51 8.44
C ASN C 26 13.80 -8.39 7.26
N ALA C 27 15.05 -8.83 7.19
CA ALA C 27 15.53 -9.58 6.03
C ALA C 27 15.04 -11.03 5.99
N VAL C 28 15.07 -11.71 7.12
CA VAL C 28 14.68 -13.12 7.15
C VAL C 28 13.18 -13.29 7.28
N ALA C 29 12.62 -12.88 8.42
CA ALA C 29 11.21 -13.11 8.71
C ALA C 29 10.31 -12.17 7.91
N GLY C 30 10.92 -11.18 7.28
CA GLY C 30 10.19 -10.19 6.50
C GLY C 30 8.95 -9.60 7.16
N VAL C 31 9.03 -9.36 8.46
CA VAL C 31 7.90 -8.81 9.20
C VAL C 31 7.71 -7.33 8.88
N ARG C 32 6.61 -6.76 9.37
CA ARG C 32 6.39 -5.32 9.21
C ARG C 32 6.12 -4.73 10.59
N GLU C 33 6.71 -3.56 10.82
CA GLU C 33 6.73 -3.01 12.16
C GLU C 33 6.27 -1.57 12.14
N THR C 34 5.37 -1.23 13.06
CA THR C 34 5.04 0.17 13.32
C THR C 34 5.67 0.53 14.65
N GLU C 35 5.40 1.75 15.12
CA GLU C 35 5.92 2.17 16.41
C GLU C 35 5.33 1.33 17.55
N SER C 36 4.08 0.92 17.38
CA SER C 36 3.37 0.21 18.44
C SER C 36 3.05 -1.26 18.16
N LYS C 37 3.22 -1.70 16.92
CA LYS C 37 2.78 -3.04 16.55
C LYS C 37 3.72 -3.79 15.61
N ILE C 38 3.61 -5.12 15.62
CA ILE C 38 4.33 -5.96 14.66
C ILE C 38 3.35 -6.82 13.88
N TYR C 39 3.57 -6.94 12.57
CA TYR C 39 2.69 -7.73 11.73
C TYR C 39 3.46 -8.88 11.09
N LEU C 40 2.86 -10.06 11.09
CA LEU C 40 3.57 -11.24 10.61
C LEU C 40 2.71 -12.07 9.65
N LEU C 41 3.23 -12.32 8.45
CA LEU C 41 2.55 -13.21 7.52
C LEU C 41 2.91 -14.66 7.80
N VAL C 42 1.88 -15.48 7.98
CA VAL C 42 2.07 -16.92 8.12
C VAL C 42 1.58 -17.60 6.86
N LYS C 43 2.54 -18.25 6.20
CA LYS C 43 2.33 -18.93 4.93
C LYS C 43 2.05 -20.41 5.18
N GLU C 44 0.93 -20.65 5.85
CA GLU C 44 0.43 -21.99 6.10
C GLU C 44 -1.07 -21.94 5.86
N GLU C 45 -1.54 -22.73 4.90
CA GLU C 45 -2.96 -22.73 4.57
C GLU C 45 -3.77 -23.32 5.72
N LYS C 46 -4.65 -22.51 6.28
CA LYS C 46 -5.45 -22.91 7.44
C LYS C 46 -6.86 -22.37 7.35
N ARG C 47 -7.74 -22.89 8.21
CA ARG C 47 -9.09 -22.37 8.32
C ARG C 47 -9.08 -21.29 9.39
N TYR C 48 -10.07 -20.40 9.35
CA TYR C 48 -10.11 -19.22 10.22
C TYR C 48 -9.77 -19.53 11.68
N ALA C 49 -10.50 -20.44 12.30
CA ALA C 49 -10.32 -20.74 13.72
C ALA C 49 -8.92 -21.28 13.99
N ASP C 50 -8.42 -22.10 13.07
CA ASP C 50 -7.05 -22.61 13.18
C ASP C 50 -6.06 -21.46 13.13
N ALA C 51 -6.26 -20.55 12.18
CA ALA C 51 -5.41 -19.38 12.03
C ALA C 51 -5.39 -18.52 13.30
N GLN C 52 -6.57 -18.26 13.86
CA GLN C 52 -6.67 -17.49 15.09
C GLN C 52 -5.96 -18.18 16.24
N LEU C 53 -6.11 -19.50 16.33
CA LEU C 53 -5.40 -20.25 17.37
C LEU C 53 -3.89 -20.15 17.17
N SER C 54 -3.45 -20.28 15.93
CA SER C 54 -2.04 -20.14 15.59
C SER C 54 -1.49 -18.78 16.00
N CYS C 55 -2.23 -17.72 15.71
CA CYS C 55 -1.85 -16.38 16.13
C CYS C 55 -1.77 -16.26 17.64
N GLN C 56 -2.77 -16.83 18.33
CA GLN C 56 -2.81 -16.78 19.79
C GLN C 56 -1.62 -17.50 20.42
N GLY C 57 -1.30 -18.68 19.90
CA GLY C 57 -0.15 -19.45 20.36
C GLY C 57 1.15 -18.69 20.20
N ARG C 58 1.21 -17.85 19.18
CA ARG C 58 2.37 -17.00 18.95
C ARG C 58 2.29 -15.75 19.83
N GLY C 59 1.27 -15.70 20.68
CA GLY C 59 1.02 -14.57 21.55
C GLY C 59 0.44 -13.34 20.88
N GLY C 60 -0.33 -13.55 19.82
CA GLY C 60 -1.01 -12.46 19.13
C GLY C 60 -2.43 -12.81 18.70
N THR C 61 -2.97 -12.05 17.75
CA THR C 61 -4.25 -12.36 17.14
C THR C 61 -4.17 -12.12 15.64
N LEU C 62 -5.22 -12.52 14.92
CA LEU C 62 -5.32 -12.18 13.51
C LEU C 62 -5.40 -10.67 13.36
N SER C 63 -4.79 -10.14 12.31
CA SER C 63 -4.60 -8.70 12.14
C SER C 63 -5.91 -7.92 12.14
N MET C 64 -5.90 -6.78 12.83
CA MET C 64 -7.08 -5.92 12.92
C MET C 64 -6.77 -4.53 12.37
N PRO C 65 -7.18 -4.28 11.11
CA PRO C 65 -7.02 -2.95 10.51
C PRO C 65 -8.12 -1.99 10.95
N LYS C 66 -7.84 -1.21 11.99
CA LYS C 66 -8.84 -0.30 12.55
C LYS C 66 -8.73 1.11 11.98
N ASP C 67 -7.64 1.37 11.26
CA ASP C 67 -7.43 2.66 10.61
C ASP C 67 -6.70 2.50 9.28
N GLU C 68 -6.70 3.56 8.48
CA GLU C 68 -6.15 3.54 7.13
C GLU C 68 -4.66 3.15 7.06
N ALA C 69 -3.88 3.61 8.03
CA ALA C 69 -2.43 3.39 8.01
C ALA C 69 -2.11 1.90 8.16
N ALA C 70 -2.73 1.27 9.15
CA ALA C 70 -2.62 -0.17 9.36
C ALA C 70 -2.97 -0.92 8.08
N ASN C 71 -4.20 -0.71 7.61
CA ASN C 71 -4.73 -1.38 6.42
C ASN C 71 -3.81 -1.25 5.22
N GLY C 72 -3.24 -0.05 5.03
CA GLY C 72 -2.35 0.20 3.92
C GLY C 72 -1.05 -0.55 4.09
N LEU C 73 -0.57 -0.61 5.33
CA LEU C 73 0.64 -1.38 5.63
C LEU C 73 0.43 -2.85 5.32
N MET C 74 -0.69 -3.40 5.77
CA MET C 74 -1.02 -4.81 5.52
C MET C 74 -1.12 -5.07 4.02
N ALA C 75 -1.74 -4.15 3.29
CA ALA C 75 -1.87 -4.25 1.84
C ALA C 75 -0.50 -4.28 1.17
N ALA C 76 0.41 -3.42 1.61
CA ALA C 76 1.76 -3.37 1.06
C ALA C 76 2.51 -4.67 1.35
N TYR C 77 2.32 -5.18 2.56
CA TYR C 77 2.95 -6.42 3.00
C TYR C 77 2.51 -7.56 2.09
N LEU C 78 1.20 -7.64 1.89
CA LEU C 78 0.60 -8.62 1.00
C LEU C 78 1.14 -8.50 -0.41
N ALA C 79 1.24 -7.27 -0.89
CA ALA C 79 1.78 -6.97 -2.22
C ALA C 79 3.20 -7.51 -2.39
N GLN C 80 4.12 -7.03 -1.57
CA GLN C 80 5.51 -7.49 -1.63
C GLN C 80 5.64 -9.00 -1.53
N ALA C 81 4.87 -9.59 -0.62
CA ALA C 81 4.93 -11.03 -0.43
C ALA C 81 4.33 -11.77 -1.63
N GLY C 82 3.57 -11.05 -2.45
CA GLY C 82 2.98 -11.61 -3.65
C GLY C 82 1.85 -12.60 -3.45
N LEU C 83 0.85 -12.21 -2.65
CA LEU C 83 -0.29 -13.08 -2.41
C LEU C 83 -1.59 -12.43 -2.87
N ALA C 84 -2.58 -13.26 -3.17
CA ALA C 84 -3.88 -12.79 -3.62
C ALA C 84 -4.79 -12.54 -2.43
N ARG C 85 -4.71 -13.42 -1.43
CA ARG C 85 -5.60 -13.34 -0.29
C ARG C 85 -4.96 -13.86 1.00
N VAL C 86 -5.38 -13.28 2.13
CA VAL C 86 -5.09 -13.83 3.46
C VAL C 86 -6.28 -13.60 4.38
N PHE C 87 -6.41 -14.47 5.39
CA PHE C 87 -7.37 -14.23 6.47
C PHE C 87 -6.94 -13.02 7.30
N ILE C 88 -7.91 -12.30 7.84
CA ILE C 88 -7.64 -11.25 8.81
C ILE C 88 -8.65 -11.34 9.95
N GLY C 89 -8.45 -10.55 10.99
CA GLY C 89 -9.26 -10.70 12.18
C GLY C 89 -10.56 -9.91 12.14
N ILE C 90 -11.45 -10.30 11.23
CA ILE C 90 -12.80 -9.74 11.17
C ILE C 90 -13.82 -10.85 10.88
N ASN C 91 -14.97 -10.77 11.55
CA ASN C 91 -16.00 -11.79 11.42
C ASN C 91 -17.36 -11.30 11.94
N ASP C 92 -18.42 -11.99 11.54
CA ASP C 92 -19.74 -11.77 12.15
C ASP C 92 -20.30 -13.11 12.59
N LEU C 93 -19.44 -13.89 13.25
CA LEU C 93 -19.77 -15.24 13.68
C LEU C 93 -20.86 -15.28 14.75
N GLU C 94 -20.83 -14.33 15.68
CA GLU C 94 -21.82 -14.30 16.75
C GLU C 94 -23.19 -13.86 16.23
N LYS C 95 -23.23 -12.66 15.65
CA LYS C 95 -24.47 -12.12 15.11
C LYS C 95 -24.32 -11.74 13.64
N GLU C 96 -24.98 -12.48 12.77
CA GLU C 96 -24.96 -12.22 11.34
C GLU C 96 -25.24 -10.76 11.00
N GLY C 97 -24.42 -10.18 10.14
CA GLY C 97 -24.56 -8.79 9.75
C GLY C 97 -23.81 -7.84 10.67
N ALA C 98 -23.55 -8.28 11.90
CA ALA C 98 -22.82 -7.46 12.86
C ALA C 98 -21.36 -7.88 12.90
N PHE C 99 -20.52 -7.12 12.21
CA PHE C 99 -19.11 -7.49 12.11
C PHE C 99 -18.30 -6.94 13.27
N VAL C 100 -17.24 -7.67 13.61
CA VAL C 100 -16.43 -7.35 14.77
C VAL C 100 -14.99 -7.74 14.49
N TYR C 101 -14.04 -7.15 15.22
CA TYR C 101 -12.64 -7.52 15.10
C TYR C 101 -12.33 -8.75 15.94
N SER C 102 -11.15 -9.31 15.75
CA SER C 102 -10.77 -10.54 16.43
C SER C 102 -10.74 -10.39 17.95
N ASP C 103 -10.37 -9.20 18.43
CA ASP C 103 -10.34 -8.95 19.87
C ASP C 103 -11.71 -8.60 20.45
N HIS C 104 -12.75 -8.82 19.66
CA HIS C 104 -14.14 -8.59 20.03
C HIS C 104 -14.55 -7.11 20.05
N SER C 105 -13.60 -6.21 19.81
CA SER C 105 -13.96 -4.79 19.67
C SER C 105 -14.83 -4.58 18.44
N PRO C 106 -15.94 -3.84 18.59
CA PRO C 106 -16.95 -3.70 17.53
C PRO C 106 -16.44 -2.99 16.29
N MET C 107 -17.13 -3.21 15.18
CA MET C 107 -16.84 -2.54 13.93
C MET C 107 -17.16 -1.04 14.04
N ARG C 108 -16.46 -0.23 13.25
CA ARG C 108 -16.63 1.22 13.32
C ARG C 108 -16.95 1.81 11.95
N THR C 109 -16.76 3.10 11.79
CA THR C 109 -17.07 3.78 10.54
C THR C 109 -16.07 3.42 9.45
N PHE C 110 -14.79 3.33 9.84
CA PHE C 110 -13.75 2.93 8.91
C PHE C 110 -13.96 1.51 8.42
N ASN C 111 -13.81 1.33 7.11
CA ASN C 111 -13.88 0.00 6.50
C ASN C 111 -13.19 0.02 5.15
N LYS C 112 -13.02 -1.16 4.56
CA LYS C 112 -12.40 -1.27 3.25
C LYS C 112 -13.04 -2.38 2.44
N TRP C 113 -14.34 -2.60 2.65
CA TRP C 113 -15.09 -3.56 1.87
C TRP C 113 -14.94 -3.27 0.38
N ARG C 114 -14.75 -4.31 -0.42
CA ARG C 114 -14.80 -4.15 -1.86
C ARG C 114 -16.23 -3.84 -2.25
N SER C 115 -16.44 -3.38 -3.48
CA SER C 115 -17.77 -3.06 -3.96
C SER C 115 -18.67 -4.29 -3.91
N GLY C 116 -19.81 -4.15 -3.22
CA GLY C 116 -20.78 -5.23 -3.11
C GLY C 116 -20.62 -6.08 -1.86
N GLU C 117 -19.58 -5.80 -1.08
CA GLU C 117 -19.30 -6.55 0.15
C GLU C 117 -19.62 -5.76 1.41
N PRO C 118 -19.97 -6.46 2.50
CA PRO C 118 -20.05 -7.93 2.64
C PRO C 118 -21.40 -8.46 2.20
N ASN C 119 -21.42 -9.63 1.55
CA ASN C 119 -22.66 -10.12 0.97
C ASN C 119 -23.17 -11.45 1.53
N ASN C 120 -22.52 -11.94 2.59
CA ASN C 120 -22.88 -13.22 3.22
C ASN C 120 -23.29 -14.31 2.23
N ALA C 121 -22.51 -14.43 1.15
CA ALA C 121 -22.85 -15.32 0.04
C ALA C 121 -23.32 -16.70 0.48
N TYR C 122 -24.51 -17.05 0.02
CA TYR C 122 -25.13 -18.35 0.32
C TYR C 122 -25.27 -18.61 1.82
N ASP C 123 -25.41 -17.52 2.58
CA ASP C 123 -25.53 -17.58 4.04
C ASP C 123 -24.48 -18.48 4.69
N GLU C 124 -23.25 -18.42 4.19
CA GLU C 124 -22.17 -19.24 4.73
C GLU C 124 -20.85 -18.48 4.81
N GLU C 125 -20.93 -17.16 4.86
CA GLU C 125 -19.71 -16.35 4.90
C GLU C 125 -19.66 -15.48 6.14
N ASP C 126 -18.95 -15.97 7.16
CA ASP C 126 -18.85 -15.25 8.41
C ASP C 126 -17.43 -14.89 8.80
N CYS C 127 -16.50 -14.99 7.84
CA CYS C 127 -15.11 -14.63 8.15
C CYS C 127 -14.63 -13.61 7.13
N VAL C 128 -13.48 -12.98 7.35
CA VAL C 128 -13.05 -11.95 6.40
C VAL C 128 -11.64 -12.15 5.85
N GLU C 129 -11.52 -11.96 4.54
CA GLU C 129 -10.23 -11.99 3.86
C GLU C 129 -9.83 -10.59 3.38
N MET C 130 -8.52 -10.36 3.32
CA MET C 130 -7.98 -9.19 2.64
C MET C 130 -7.36 -9.63 1.32
N VAL C 131 -7.57 -8.82 0.28
CA VAL C 131 -7.02 -9.14 -1.03
C VAL C 131 -5.90 -8.17 -1.40
N ALA C 132 -5.19 -8.46 -2.49
CA ALA C 132 -4.03 -7.70 -2.94
C ALA C 132 -4.22 -6.18 -2.85
N SER C 133 -5.35 -5.70 -3.35
CA SER C 133 -5.65 -4.27 -3.35
C SER C 133 -5.72 -3.69 -1.94
N GLY C 134 -6.03 -4.53 -0.96
CA GLY C 134 -6.19 -4.08 0.41
C GLY C 134 -7.64 -4.07 0.83
N GLY C 135 -8.53 -4.41 -0.11
CA GLY C 135 -9.95 -4.45 0.16
C GLY C 135 -10.36 -5.68 0.96
N TRP C 136 -11.50 -5.59 1.62
CA TRP C 136 -12.00 -6.71 2.42
C TRP C 136 -13.11 -7.46 1.69
N ASN C 137 -13.24 -8.75 1.99
CA ASN C 137 -14.36 -9.53 1.50
C ASN C 137 -14.72 -10.65 2.47
N ASP C 138 -16.00 -10.80 2.77
CA ASP C 138 -16.41 -11.90 3.64
C ASP C 138 -16.42 -13.22 2.86
N VAL C 139 -16.05 -14.28 3.56
CA VAL C 139 -15.86 -15.61 2.99
C VAL C 139 -16.24 -16.67 4.02
N ALA C 140 -16.33 -17.90 3.56
CA ALA C 140 -16.67 -19.03 4.43
C ALA C 140 -15.51 -19.31 5.37
N CYS C 141 -15.83 -19.50 6.65
CA CYS C 141 -14.81 -19.76 7.66
C CYS C 141 -14.04 -21.06 7.41
N HIS C 142 -14.70 -22.02 6.75
CA HIS C 142 -14.05 -23.30 6.46
C HIS C 142 -13.09 -23.23 5.27
N THR C 143 -13.05 -22.09 4.60
CA THR C 143 -12.06 -21.85 3.55
C THR C 143 -10.65 -21.94 4.11
N THR C 144 -9.69 -22.39 3.29
CA THR C 144 -8.29 -22.50 3.72
C THR C 144 -7.36 -21.59 2.94
N MET C 145 -6.59 -20.78 3.66
CA MET C 145 -5.60 -19.90 3.04
C MET C 145 -4.57 -19.41 4.07
N TYR C 146 -3.59 -18.64 3.59
CA TYR C 146 -2.57 -18.04 4.47
C TYR C 146 -3.21 -17.01 5.38
N PHE C 147 -2.49 -16.59 6.43
CA PHE C 147 -3.09 -15.58 7.31
C PHE C 147 -2.08 -14.62 7.88
N MET C 148 -2.55 -13.55 8.50
CA MET C 148 -1.64 -12.55 9.05
C MET C 148 -1.94 -12.27 10.51
N CYS C 149 -0.91 -12.34 11.34
CA CYS C 149 -1.04 -12.09 12.77
C CYS C 149 -0.56 -10.70 13.15
N GLU C 150 -1.07 -10.21 14.28
CA GLU C 150 -0.76 -8.87 14.76
C GLU C 150 -0.34 -8.93 16.22
N PHE C 151 0.67 -8.15 16.57
CA PHE C 151 1.25 -8.19 17.91
C PHE C 151 1.40 -6.81 18.53
N ASP C 152 1.03 -6.71 19.81
CA ASP C 152 1.21 -5.51 20.62
C ASP C 152 2.62 -5.48 21.22
N LYS C 153 3.23 -4.30 21.28
CA LYS C 153 4.53 -4.17 21.92
C LYS C 153 4.43 -3.94 23.43
N GLU C 154 3.23 -4.02 23.98
CA GLU C 154 3.04 -3.92 25.42
C GLU C 154 2.29 -5.14 25.93
N ASN C 155 1.52 -5.75 25.02
CA ASN C 155 0.65 -6.91 25.24
C ASN C 155 0.43 -7.32 26.69
N SER D 1 23.81 9.14 40.02
CA SER D 1 25.03 9.67 39.42
C SER D 1 24.92 9.77 37.89
N GLN D 2 26.06 9.70 37.22
CA GLN D 2 26.09 9.65 35.76
C GLN D 2 26.17 8.22 35.23
N LEU D 3 26.89 7.37 35.96
CA LEU D 3 27.12 5.99 35.55
C LEU D 3 25.90 5.10 35.82
N ARG D 4 25.16 5.44 36.88
CA ARG D 4 23.93 4.74 37.22
C ARG D 4 22.92 4.80 36.07
N LYS D 5 22.77 5.98 35.48
CA LYS D 5 21.78 6.17 34.43
C LYS D 5 22.21 5.48 33.14
N ALA D 6 23.52 5.47 32.89
CA ALA D 6 24.10 4.77 31.75
C ALA D 6 23.83 3.27 31.87
N ILE D 7 23.96 2.77 33.10
CA ILE D 7 23.76 1.35 33.34
C ILE D 7 22.29 1.00 33.25
N GLY D 8 21.43 1.83 33.82
CA GLY D 8 19.99 1.67 33.68
C GLY D 8 19.54 1.63 32.23
N GLU D 9 20.06 2.55 31.42
CA GLU D 9 19.71 2.62 30.01
C GLU D 9 20.22 1.39 29.26
N MET D 10 21.38 0.90 29.67
CA MET D 10 21.92 -0.33 29.10
C MET D 10 21.04 -1.54 29.46
N ASP D 11 20.60 -1.58 30.72
CA ASP D 11 19.65 -2.57 31.19
C ASP D 11 18.41 -2.56 30.31
N ASN D 12 17.91 -1.36 30.00
CA ASN D 12 16.79 -1.21 29.09
C ASN D 12 17.09 -1.82 27.72
N GLN D 13 18.25 -1.51 27.17
CA GLN D 13 18.66 -2.09 25.89
C GLN D 13 18.68 -3.62 25.91
N VAL D 14 19.22 -4.21 26.97
CA VAL D 14 19.33 -5.66 27.08
C VAL D 14 17.96 -6.31 27.26
N SER D 15 17.12 -5.69 28.09
CA SER D 15 15.72 -6.11 28.23
C SER D 15 15.03 -6.13 26.88
N GLN D 16 15.19 -5.03 26.14
CA GLN D 16 14.63 -4.88 24.80
C GLN D 16 15.06 -6.01 23.87
N LEU D 17 16.37 -6.19 23.77
CA LEU D 17 16.94 -7.23 22.93
C LEU D 17 16.41 -8.61 23.31
N THR D 18 16.34 -8.86 24.61
CA THR D 18 15.79 -10.11 25.14
C THR D 18 14.36 -10.33 24.69
N SER D 19 13.54 -9.28 24.77
CA SER D 19 12.14 -9.38 24.42
C SER D 19 11.98 -9.68 22.94
N GLU D 20 12.69 -8.91 22.11
CA GLU D 20 12.65 -9.11 20.66
C GLU D 20 13.13 -10.51 20.27
N LEU D 21 14.15 -11.01 20.96
CA LEU D 21 14.63 -12.37 20.75
C LEU D 21 13.57 -13.41 21.10
N LYS D 22 12.88 -13.18 22.21
CA LYS D 22 11.82 -14.07 22.65
C LYS D 22 10.72 -14.10 21.60
N PHE D 23 10.41 -12.92 21.07
CA PHE D 23 9.46 -12.77 19.97
C PHE D 23 9.88 -13.62 18.77
N ILE D 24 11.11 -13.43 18.31
CA ILE D 24 11.64 -14.20 17.19
C ILE D 24 11.54 -15.71 17.41
N LYS D 25 11.85 -16.15 18.63
CA LYS D 25 11.77 -17.56 18.96
C LYS D 25 10.34 -18.08 18.92
N ASN D 26 9.42 -17.35 19.55
CA ASN D 26 8.05 -17.82 19.73
C ASN D 26 7.14 -17.52 18.55
N ALA D 27 7.08 -16.25 18.17
CA ALA D 27 6.14 -15.80 17.15
C ALA D 27 6.57 -16.21 15.73
N VAL D 28 7.84 -16.05 15.43
CA VAL D 28 8.35 -16.35 14.09
C VAL D 28 8.68 -17.83 13.92
N ALA D 29 9.69 -18.30 14.67
CA ALA D 29 10.18 -19.66 14.52
C ALA D 29 9.25 -20.70 15.17
N GLY D 30 8.28 -20.22 15.95
CA GLY D 30 7.34 -21.08 16.65
C GLY D 30 7.88 -22.27 17.41
N VAL D 31 9.04 -22.11 18.03
CA VAL D 31 9.67 -23.20 18.79
C VAL D 31 8.99 -23.46 20.13
N ARG D 32 9.44 -24.53 20.79
CA ARG D 32 9.05 -24.83 22.17
C ARG D 32 10.31 -25.01 22.97
N GLU D 33 10.32 -24.44 24.16
CA GLU D 33 11.54 -24.35 24.93
C GLU D 33 11.33 -24.80 26.37
N THR D 34 12.26 -25.62 26.86
CA THR D 34 12.31 -25.94 28.28
C THR D 34 13.47 -25.15 28.87
N GLU D 35 13.74 -25.34 30.16
CA GLU D 35 14.86 -24.64 30.77
C GLU D 35 16.20 -25.12 30.18
N SER D 36 16.25 -26.38 29.77
CA SER D 36 17.50 -26.98 29.30
C SER D 36 17.52 -27.31 27.80
N LYS D 37 16.38 -27.25 27.13
CA LYS D 37 16.29 -27.70 25.74
C LYS D 37 15.41 -26.83 24.85
N ILE D 38 15.64 -26.92 23.53
CA ILE D 38 14.75 -26.28 22.56
C ILE D 38 14.22 -27.30 21.56
N TYR D 39 12.94 -27.22 21.23
CA TYR D 39 12.32 -28.15 20.30
C TYR D 39 11.77 -27.42 19.08
N LEU D 40 12.03 -27.96 17.90
CA LEU D 40 11.68 -27.28 16.66
C LEU D 40 10.97 -28.15 15.62
N LEU D 41 9.79 -27.73 15.18
CA LEU D 41 9.15 -28.42 14.05
C LEU D 41 9.67 -27.92 12.72
N VAL D 42 10.10 -28.86 11.89
CA VAL D 42 10.46 -28.57 10.52
C VAL D 42 9.39 -29.15 9.64
N LYS D 43 8.72 -28.23 8.94
CA LYS D 43 7.61 -28.53 8.06
C LYS D 43 8.13 -28.71 6.65
N GLU D 44 8.96 -29.73 6.49
CA GLU D 44 9.49 -30.13 5.20
C GLU D 44 9.37 -31.63 5.12
N GLU D 45 8.61 -32.13 4.17
CA GLU D 45 8.42 -33.56 4.04
C GLU D 45 9.72 -34.24 3.60
N LYS D 46 10.22 -35.11 4.47
CA LYS D 46 11.50 -35.78 4.23
C LYS D 46 11.44 -37.21 4.73
N ARG D 47 12.39 -38.04 4.30
CA ARG D 47 12.52 -39.39 4.85
C ARG D 47 13.50 -39.32 6.01
N TYR D 48 13.43 -40.32 6.89
CA TYR D 48 14.15 -40.32 8.16
C TYR D 48 15.60 -39.83 8.13
N ALA D 49 16.43 -40.47 7.31
CA ALA D 49 17.85 -40.14 7.28
C ALA D 49 18.07 -38.69 6.87
N ASP D 50 17.24 -38.22 5.94
CA ASP D 50 17.28 -36.83 5.50
C ASP D 50 16.96 -35.91 6.67
N ALA D 51 15.90 -36.25 7.40
CA ALA D 51 15.48 -35.49 8.57
C ALA D 51 16.59 -35.39 9.61
N GLN D 52 17.23 -36.51 9.91
CA GLN D 52 18.33 -36.54 10.87
C GLN D 52 19.50 -35.67 10.41
N LEU D 53 19.82 -35.73 9.13
CA LEU D 53 20.89 -34.89 8.59
C LEU D 53 20.53 -33.42 8.72
N SER D 54 19.29 -33.09 8.40
CA SER D 54 18.80 -31.72 8.53
C SER D 54 18.91 -31.22 9.96
N CYS D 55 18.52 -32.05 10.92
CA CYS D 55 18.66 -31.71 12.33
C CYS D 55 20.11 -31.50 12.73
N GLN D 56 20.98 -32.38 12.25
CA GLN D 56 22.41 -32.28 12.55
C GLN D 56 23.05 -31.01 12.00
N GLY D 57 22.70 -30.66 10.77
CA GLY D 57 23.17 -29.43 10.16
C GLY D 57 22.78 -28.20 10.95
N ARG D 58 21.62 -28.28 11.59
CA ARG D 58 21.11 -27.21 12.43
C ARG D 58 21.76 -27.28 13.82
N GLY D 59 22.70 -28.22 13.97
CA GLY D 59 23.39 -28.43 15.23
C GLY D 59 22.57 -29.15 16.29
N GLY D 60 21.66 -30.01 15.87
CA GLY D 60 20.86 -30.81 16.79
C GLY D 60 20.65 -32.24 16.32
N THR D 61 19.65 -32.91 16.88
CA THR D 61 19.22 -34.23 16.41
C THR D 61 17.71 -34.32 16.39
N LEU D 62 17.18 -35.41 15.83
CA LEU D 62 15.75 -35.67 15.90
C LEU D 62 15.36 -35.87 17.36
N SER D 63 14.17 -35.39 17.73
CA SER D 63 13.76 -35.32 19.13
C SER D 63 13.79 -36.67 19.82
N MET D 64 14.27 -36.67 21.05
CA MET D 64 14.35 -37.89 21.85
C MET D 64 13.53 -37.75 23.12
N PRO D 65 12.33 -38.33 23.11
CA PRO D 65 11.49 -38.34 24.32
C PRO D 65 11.92 -39.45 25.28
N LYS D 66 12.78 -39.10 26.23
CA LYS D 66 13.34 -40.08 27.16
C LYS D 66 12.53 -40.12 28.45
N ASP D 67 11.65 -39.14 28.64
CA ASP D 67 10.79 -39.10 29.80
C ASP D 67 9.41 -38.53 29.46
N GLU D 68 8.45 -38.69 30.37
CA GLU D 68 7.06 -38.31 30.13
C GLU D 68 6.87 -36.83 29.81
N ALA D 69 7.65 -35.98 30.47
CA ALA D 69 7.50 -34.53 30.30
C ALA D 69 7.85 -34.10 28.89
N ALA D 70 8.99 -34.58 28.40
CA ALA D 70 9.41 -34.34 27.03
C ALA D 70 8.33 -34.78 26.06
N ASN D 71 7.95 -36.06 26.15
CA ASN D 71 6.95 -36.66 25.27
C ASN D 71 5.64 -35.87 25.24
N GLY D 72 5.22 -35.41 26.41
CA GLY D 72 3.98 -34.64 26.51
C GLY D 72 4.14 -33.29 25.86
N LEU D 73 5.32 -32.69 26.03
CA LEU D 73 5.61 -31.42 25.36
C LEU D 73 5.55 -31.56 23.84
N MET D 74 6.21 -32.57 23.31
CA MET D 74 6.22 -32.84 21.88
C MET D 74 4.80 -33.07 21.37
N ALA D 75 4.02 -33.82 22.14
CA ALA D 75 2.63 -34.07 21.81
C ALA D 75 1.82 -32.78 21.73
N ALA D 76 2.00 -31.90 22.70
CA ALA D 76 1.30 -30.61 22.73
C ALA D 76 1.70 -29.74 21.54
N TYR D 77 2.99 -29.76 21.24
CA TYR D 77 3.59 -29.01 20.15
C TYR D 77 2.93 -29.45 18.84
N LEU D 78 2.85 -30.77 18.67
CA LEU D 78 2.20 -31.40 17.53
C LEU D 78 0.74 -30.96 17.42
N ALA D 79 0.07 -30.96 18.57
CA ALA D 79 -1.33 -30.52 18.66
C ALA D 79 -1.48 -29.11 18.13
N GLN D 80 -0.77 -28.16 18.74
CA GLN D 80 -0.80 -26.77 18.30
C GLN D 80 -0.52 -26.59 16.82
N ALA D 81 0.46 -27.33 16.32
CA ALA D 81 0.82 -27.22 14.91
C ALA D 81 -0.27 -27.81 14.02
N GLY D 82 -1.13 -28.62 14.61
CA GLY D 82 -2.24 -29.22 13.88
C GLY D 82 -1.75 -30.28 12.90
N LEU D 83 -0.91 -31.18 13.39
CA LEU D 83 -0.34 -32.22 12.55
C LEU D 83 -0.73 -33.61 13.03
N ALA D 84 -0.74 -34.57 12.11
CA ALA D 84 -1.10 -35.94 12.42
C ALA D 84 0.12 -36.77 12.82
N ARG D 85 1.23 -36.54 12.12
CA ARG D 85 2.45 -37.33 12.34
C ARG D 85 3.72 -36.53 12.07
N VAL D 86 4.77 -36.85 12.83
CA VAL D 86 6.12 -36.39 12.53
C VAL D 86 7.14 -37.47 12.86
N PHE D 87 8.28 -37.44 12.17
CA PHE D 87 9.41 -38.30 12.53
C PHE D 87 9.97 -37.86 13.88
N ILE D 88 10.47 -38.82 14.66
CA ILE D 88 11.22 -38.50 15.88
C ILE D 88 12.45 -39.39 15.94
N GLY D 89 13.31 -39.13 16.93
CA GLY D 89 14.60 -39.78 16.97
C GLY D 89 14.57 -41.13 17.66
N ILE D 90 13.87 -42.08 17.05
CA ILE D 90 13.90 -43.48 17.51
C ILE D 90 13.91 -44.43 16.31
N ASN D 91 14.71 -45.49 16.43
CA ASN D 91 14.88 -46.47 15.36
C ASN D 91 15.47 -47.79 15.86
N ASP D 92 15.33 -48.85 15.07
CA ASP D 92 16.04 -50.10 15.31
C ASP D 92 16.76 -50.52 14.03
N LEU D 93 17.42 -49.54 13.41
CA LEU D 93 18.08 -49.71 12.13
C LEU D 93 19.27 -50.68 12.18
N GLU D 94 20.05 -50.61 13.25
CA GLU D 94 21.22 -51.47 13.38
C GLU D 94 20.80 -52.91 13.68
N LYS D 95 20.08 -53.10 14.78
CA LYS D 95 19.62 -54.42 15.18
C LYS D 95 18.10 -54.44 15.35
N GLU D 96 17.44 -55.17 14.46
CA GLU D 96 15.99 -55.34 14.51
C GLU D 96 15.49 -55.74 15.90
N GLY D 97 14.46 -55.04 16.38
CA GLY D 97 13.91 -55.30 17.69
C GLY D 97 14.58 -54.52 18.80
N ALA D 98 15.83 -54.12 18.57
CA ALA D 98 16.57 -53.35 19.55
C ALA D 98 16.51 -51.87 19.21
N PHE D 99 15.60 -51.16 19.88
CA PHE D 99 15.39 -49.75 19.55
C PHE D 99 16.34 -48.84 20.32
N VAL D 100 16.66 -47.71 19.69
CA VAL D 100 17.63 -46.75 20.23
C VAL D 100 17.18 -45.33 19.86
N TYR D 101 17.68 -44.36 20.61
CA TYR D 101 17.40 -42.96 20.30
C TYR D 101 18.39 -42.48 19.24
N SER D 102 18.14 -41.28 18.70
CA SER D 102 18.97 -40.75 17.61
C SER D 102 20.43 -40.59 18.02
N ASP D 103 20.68 -40.29 19.30
CA ASP D 103 22.04 -40.16 19.79
C ASP D 103 22.68 -41.52 20.12
N HIS D 104 22.00 -42.59 19.72
CA HIS D 104 22.44 -43.98 19.91
C HIS D 104 22.33 -44.49 21.34
N SER D 105 21.91 -43.63 22.27
CA SER D 105 21.65 -44.08 23.63
C SER D 105 20.49 -45.07 23.61
N PRO D 106 20.66 -46.21 24.31
CA PRO D 106 19.70 -47.32 24.24
C PRO D 106 18.31 -46.98 24.76
N MET D 107 17.33 -47.76 24.32
CA MET D 107 15.97 -47.65 24.78
C MET D 107 15.89 -48.08 26.25
N ARG D 108 14.93 -47.53 26.98
CA ARG D 108 14.81 -47.80 28.41
C ARG D 108 13.41 -48.31 28.74
N THR D 109 13.03 -48.23 30.02
CA THR D 109 11.73 -48.73 30.43
C THR D 109 10.61 -47.82 29.95
N PHE D 110 10.85 -46.51 30.00
CA PHE D 110 9.85 -45.55 29.51
C PHE D 110 9.60 -45.71 28.02
N ASN D 111 8.32 -45.69 27.65
CA ASN D 111 7.93 -45.71 26.25
C ASN D 111 6.52 -45.19 26.05
N LYS D 112 6.12 -45.00 24.80
CA LYS D 112 4.79 -44.52 24.48
C LYS D 112 4.25 -45.17 23.22
N TRP D 113 4.63 -46.43 23.01
CA TRP D 113 4.11 -47.21 21.89
C TRP D 113 2.59 -47.23 21.94
N ARG D 114 1.95 -47.06 20.79
CA ARG D 114 0.51 -47.27 20.73
C ARG D 114 0.26 -48.76 20.93
N SER D 115 -0.99 -49.12 21.20
CA SER D 115 -1.34 -50.52 21.39
C SER D 115 -1.00 -51.33 20.14
N GLY D 116 -0.21 -52.39 20.32
CA GLY D 116 0.18 -53.26 19.23
C GLY D 116 1.51 -52.90 18.60
N GLU D 117 2.10 -51.80 19.06
CA GLU D 117 3.37 -51.32 18.52
C GLU D 117 4.51 -51.57 19.52
N PRO D 118 5.74 -51.77 19.00
CA PRO D 118 6.12 -51.75 17.58
C PRO D 118 5.89 -53.11 16.93
N ASN D 119 5.46 -53.11 15.68
CA ASN D 119 5.08 -54.37 15.05
C ASN D 119 5.92 -54.74 13.82
N ASN D 120 6.97 -53.96 13.55
CA ASN D 120 7.86 -54.19 12.40
C ASN D 120 7.11 -54.65 11.16
N ALA D 121 5.99 -53.99 10.87
CA ALA D 121 5.08 -54.42 9.81
C ALA D 121 5.79 -54.81 8.52
N TYR D 122 5.55 -56.05 8.10
CA TYR D 122 6.13 -56.61 6.88
C TYR D 122 7.64 -56.53 6.83
N ASP D 123 8.25 -56.56 8.01
CA ASP D 123 9.70 -56.50 8.20
C ASP D 123 10.35 -55.35 7.43
N GLU D 124 9.70 -54.19 7.43
CA GLU D 124 10.24 -53.03 6.73
C GLU D 124 10.04 -51.73 7.51
N GLU D 125 9.89 -51.84 8.83
CA GLU D 125 9.65 -50.67 9.67
C GLU D 125 10.72 -50.52 10.72
N ASP D 126 11.70 -49.66 10.42
CA ASP D 126 12.82 -49.45 11.33
C ASP D 126 12.97 -48.00 11.78
N CYS D 127 11.94 -47.19 11.58
CA CYS D 127 12.00 -45.81 12.03
C CYS D 127 10.79 -45.53 12.91
N VAL D 128 10.76 -44.39 13.61
CA VAL D 128 9.62 -44.14 14.49
C VAL D 128 8.95 -42.78 14.27
N GLU D 129 7.61 -42.80 14.24
CA GLU D 129 6.82 -41.60 14.13
C GLU D 129 6.07 -41.34 15.43
N MET D 130 5.84 -40.06 15.72
CA MET D 130 4.92 -39.67 16.79
C MET D 130 3.62 -39.15 16.17
N VAL D 131 2.50 -39.54 16.77
CA VAL D 131 1.20 -39.11 16.28
C VAL D 131 0.56 -38.11 17.23
N ALA D 132 -0.54 -37.51 16.79
CA ALA D 132 -1.24 -36.45 17.54
C ALA D 132 -1.36 -36.74 19.04
N SER D 133 -1.79 -37.96 19.37
CA SER D 133 -1.98 -38.36 20.76
C SER D 133 -0.68 -38.32 21.57
N GLY D 134 0.45 -38.46 20.89
CA GLY D 134 1.73 -38.52 21.56
C GLY D 134 2.31 -39.92 21.57
N GLY D 135 1.54 -40.87 21.03
CA GLY D 135 1.97 -42.25 20.95
C GLY D 135 3.00 -42.47 19.86
N TRP D 136 3.78 -43.54 20.00
CA TRP D 136 4.79 -43.86 19.00
C TRP D 136 4.34 -44.99 18.09
N ASN D 137 4.85 -44.99 16.87
CA ASN D 137 4.61 -46.12 15.96
C ASN D 137 5.79 -46.31 15.03
N ASP D 138 6.25 -47.55 14.88
CA ASP D 138 7.32 -47.82 13.93
C ASP D 138 6.79 -47.83 12.51
N VAL D 139 7.60 -47.32 11.59
CA VAL D 139 7.22 -47.12 10.20
C VAL D 139 8.44 -47.32 9.32
N ALA D 140 8.20 -47.41 8.02
CA ALA D 140 9.27 -47.58 7.05
C ALA D 140 10.09 -46.30 6.99
N CYS D 141 11.40 -46.44 7.00
CA CYS D 141 12.29 -45.29 6.97
C CYS D 141 12.14 -44.47 5.68
N HIS D 142 11.76 -45.13 4.59
CA HIS D 142 11.59 -44.45 3.32
C HIS D 142 10.29 -43.64 3.24
N THR D 143 9.46 -43.74 4.28
CA THR D 143 8.28 -42.88 4.39
C THR D 143 8.72 -41.43 4.44
N THR D 144 7.90 -40.53 3.90
CA THR D 144 8.21 -39.10 3.89
C THR D 144 7.21 -38.27 4.69
N MET D 145 7.71 -37.49 5.63
CA MET D 145 6.85 -36.60 6.43
C MET D 145 7.65 -35.49 7.13
N TYR D 146 6.93 -34.62 7.85
CA TYR D 146 7.55 -33.56 8.65
C TYR D 146 8.36 -34.13 9.81
N PHE D 147 9.19 -33.31 10.44
CA PHE D 147 9.96 -33.83 11.58
C PHE D 147 10.22 -32.82 12.69
N MET D 148 10.72 -33.30 13.81
CA MET D 148 11.02 -32.46 14.97
C MET D 148 12.47 -32.62 15.41
N CYS D 149 13.17 -31.49 15.54
CA CYS D 149 14.54 -31.48 16.01
C CYS D 149 14.63 -31.04 17.47
N GLU D 150 15.71 -31.44 18.12
CA GLU D 150 15.91 -31.15 19.53
C GLU D 150 17.31 -30.55 19.74
N PHE D 151 17.40 -29.57 20.63
CA PHE D 151 18.65 -28.85 20.85
C PHE D 151 19.01 -28.70 22.32
N ASP D 152 20.27 -28.96 22.63
CA ASP D 152 20.85 -28.73 23.94
C ASP D 152 21.31 -27.27 24.07
N LYS D 153 21.11 -26.67 25.24
CA LYS D 153 21.57 -25.30 25.47
C LYS D 153 23.02 -25.16 25.96
N GLU D 154 23.95 -25.58 25.10
CA GLU D 154 25.39 -25.45 25.33
C GLU D 154 26.05 -24.66 24.20
N GLN E 2 -47.17 21.15 13.52
CA GLN E 2 -45.88 21.48 14.09
C GLN E 2 -44.77 20.61 13.51
N LEU E 3 -45.10 19.35 13.27
CA LEU E 3 -44.15 18.39 12.73
C LEU E 3 -44.01 18.56 11.22
N ARG E 4 -45.10 18.96 10.58
CA ARG E 4 -45.09 19.26 9.15
C ARG E 4 -44.11 20.35 8.74
N LYS E 5 -44.09 21.47 9.47
CA LYS E 5 -43.21 22.57 9.10
C LYS E 5 -41.76 22.25 9.45
N ALA E 6 -41.57 21.47 10.50
CA ALA E 6 -40.24 20.96 10.85
C ALA E 6 -39.70 20.09 9.71
N ILE E 7 -40.59 19.29 9.13
CA ILE E 7 -40.22 18.38 8.05
C ILE E 7 -39.95 19.18 6.79
N GLY E 8 -40.80 20.16 6.51
CA GLY E 8 -40.60 21.10 5.43
C GLY E 8 -39.26 21.81 5.50
N GLU E 9 -38.89 22.25 6.69
CA GLU E 9 -37.62 22.95 6.89
C GLU E 9 -36.46 21.97 6.65
N MET E 10 -36.65 20.71 7.04
CA MET E 10 -35.64 19.70 6.76
C MET E 10 -35.52 19.45 5.25
N ASP E 11 -36.65 19.40 4.57
CA ASP E 11 -36.72 19.33 3.12
C ASP E 11 -35.93 20.46 2.48
N ASN E 12 -36.09 21.66 3.01
CA ASN E 12 -35.31 22.79 2.55
C ASN E 12 -33.81 22.55 2.73
N GLN E 13 -33.40 22.08 3.91
CA GLN E 13 -32.00 21.77 4.15
C GLN E 13 -31.42 20.75 3.16
N VAL E 14 -32.15 19.67 2.91
CA VAL E 14 -31.67 18.63 1.98
C VAL E 14 -31.67 19.14 0.54
N SER E 15 -32.68 19.92 0.17
CA SER E 15 -32.70 20.59 -1.14
C SER E 15 -31.43 21.42 -1.33
N GLN E 16 -31.14 22.25 -0.33
CA GLN E 16 -29.95 23.09 -0.33
C GLN E 16 -28.68 22.27 -0.51
N LEU E 17 -28.52 21.28 0.35
CA LEU E 17 -27.35 20.40 0.29
C LEU E 17 -27.20 19.70 -1.07
N THR E 18 -28.31 19.21 -1.60
CA THR E 18 -28.34 18.57 -2.91
C THR E 18 -27.87 19.53 -4.00
N SER E 19 -28.33 20.77 -3.93
CA SER E 19 -27.98 21.76 -4.94
C SER E 19 -26.49 22.09 -4.88
N GLU E 20 -26.00 22.38 -3.68
CA GLU E 20 -24.57 22.66 -3.50
C GLU E 20 -23.69 21.49 -3.92
N LEU E 21 -24.12 20.28 -3.59
CA LEU E 21 -23.41 19.06 -3.97
C LEU E 21 -23.39 18.89 -5.48
N LYS E 22 -24.52 19.17 -6.12
CA LYS E 22 -24.65 19.08 -7.57
C LYS E 22 -23.69 20.06 -8.23
N PHE E 23 -23.63 21.25 -7.66
CA PHE E 23 -22.68 22.27 -8.09
C PHE E 23 -21.25 21.76 -8.01
N ILE E 24 -20.86 21.26 -6.84
CA ILE E 24 -19.53 20.68 -6.64
C ILE E 24 -19.21 19.58 -7.65
N LYS E 25 -20.18 18.72 -7.94
CA LYS E 25 -19.99 17.64 -8.90
C LYS E 25 -19.77 18.17 -10.31
N ASN E 26 -20.62 19.10 -10.73
CA ASN E 26 -20.63 19.55 -12.12
C ASN E 26 -19.65 20.67 -12.42
N ALA E 27 -19.74 21.75 -11.66
CA ALA E 27 -18.94 22.94 -11.92
C ALA E 27 -17.47 22.78 -11.52
N VAL E 28 -17.24 22.20 -10.35
CA VAL E 28 -15.88 22.06 -9.83
C VAL E 28 -15.15 20.82 -10.35
N ALA E 29 -15.63 19.64 -9.97
CA ALA E 29 -14.94 18.40 -10.30
C ALA E 29 -15.13 18.02 -11.76
N GLY E 30 -16.05 18.70 -12.43
CA GLY E 30 -16.39 18.44 -13.81
C GLY E 30 -16.65 16.98 -14.15
N VAL E 31 -17.26 16.26 -13.22
CA VAL E 31 -17.57 14.85 -13.45
C VAL E 31 -18.75 14.74 -14.40
N ARG E 32 -19.08 13.53 -14.80
CA ARG E 32 -20.28 13.32 -15.61
C ARG E 32 -21.20 12.27 -15.03
N GLU E 33 -22.48 12.58 -15.09
CA GLU E 33 -23.50 11.81 -14.40
C GLU E 33 -24.67 11.48 -15.31
N THR E 34 -25.09 10.22 -15.28
CA THR E 34 -26.37 9.82 -15.85
C THR E 34 -27.32 9.56 -14.70
N GLU E 35 -28.51 9.09 -14.99
CA GLU E 35 -29.47 8.78 -13.94
C GLU E 35 -28.94 7.65 -13.04
N SER E 36 -28.20 6.73 -13.63
CA SER E 36 -27.75 5.54 -12.91
C SER E 36 -26.23 5.47 -12.68
N LYS E 37 -25.48 6.35 -13.34
CA LYS E 37 -24.01 6.23 -13.33
C LYS E 37 -23.28 7.58 -13.22
N ILE E 38 -22.04 7.52 -12.75
CA ILE E 38 -21.12 8.65 -12.72
C ILE E 38 -19.84 8.33 -13.49
N TYR E 39 -19.33 9.27 -14.28
CA TYR E 39 -18.13 9.02 -15.05
C TYR E 39 -17.02 9.99 -14.65
N LEU E 40 -15.80 9.48 -14.48
CA LEU E 40 -14.71 10.31 -13.98
C LEU E 40 -13.46 10.18 -14.82
N LEU E 41 -12.95 11.31 -15.31
CA LEU E 41 -11.67 11.30 -16.01
C LEU E 41 -10.51 11.41 -15.04
N VAL E 42 -9.58 10.46 -15.13
CA VAL E 42 -8.35 10.52 -14.37
C VAL E 42 -7.20 10.87 -15.30
N LYS E 43 -6.61 12.03 -15.00
CA LYS E 43 -5.52 12.59 -15.78
C LYS E 43 -4.19 12.22 -15.17
N GLU E 44 -3.92 10.91 -15.16
CA GLU E 44 -2.64 10.38 -14.73
C GLU E 44 -2.26 9.30 -15.72
N GLU E 45 -1.13 9.49 -16.40
CA GLU E 45 -0.70 8.54 -17.42
C GLU E 45 -0.31 7.20 -16.79
N LYS E 46 -1.03 6.15 -17.19
CA LYS E 46 -0.84 4.82 -16.62
C LYS E 46 -0.97 3.73 -17.67
N ARG E 47 -0.56 2.52 -17.31
CA ARG E 47 -0.78 1.37 -18.18
C ARG E 47 -2.13 0.76 -17.81
N TYR E 48 -2.71 -0.01 -18.71
CA TYR E 48 -4.07 -0.53 -18.54
C TYR E 48 -4.36 -1.11 -17.16
N ALA E 49 -3.57 -2.10 -16.74
CA ALA E 49 -3.82 -2.80 -15.48
C ALA E 49 -3.74 -1.84 -14.29
N ASP E 50 -2.81 -0.89 -14.37
CA ASP E 50 -2.68 0.13 -13.34
C ASP E 50 -3.95 0.99 -13.30
N ALA E 51 -4.42 1.38 -14.47
CA ALA E 51 -5.64 2.17 -14.59
C ALA E 51 -6.83 1.45 -13.96
N GLN E 52 -6.99 0.18 -14.32
CA GLN E 52 -8.08 -0.63 -13.77
C GLN E 52 -7.99 -0.74 -12.25
N LEU E 53 -6.78 -0.92 -11.74
CA LEU E 53 -6.58 -0.98 -10.29
C LEU E 53 -6.93 0.35 -9.63
N SER E 54 -6.53 1.44 -10.25
CA SER E 54 -6.87 2.79 -9.76
C SER E 54 -8.37 3.02 -9.70
N CYS E 55 -9.06 2.59 -10.75
CA CYS E 55 -10.52 2.66 -10.79
C CYS E 55 -11.16 1.83 -9.69
N GLN E 56 -10.62 0.63 -9.49
CA GLN E 56 -11.12 -0.28 -8.45
C GLN E 56 -10.91 0.30 -7.05
N GLY E 57 -9.75 0.91 -6.83
CA GLY E 57 -9.44 1.57 -5.57
C GLY E 57 -10.44 2.68 -5.27
N ARG E 58 -10.93 3.34 -6.31
CA ARG E 58 -11.98 4.33 -6.16
C ARG E 58 -13.37 3.69 -6.07
N GLY E 59 -13.40 2.37 -6.04
CA GLY E 59 -14.66 1.64 -5.98
C GLY E 59 -15.43 1.60 -7.29
N GLY E 60 -14.70 1.65 -8.39
CA GLY E 60 -15.32 1.55 -9.70
C GLY E 60 -14.51 0.68 -10.65
N THR E 61 -14.78 0.82 -11.95
CA THR E 61 -13.99 0.14 -12.98
C THR E 61 -13.73 1.10 -14.12
N LEU E 62 -12.89 0.68 -15.07
CA LEU E 62 -12.72 1.45 -16.30
C LEU E 62 -14.04 1.47 -17.05
N SER E 63 -14.32 2.59 -17.71
CA SER E 63 -15.64 2.84 -18.29
C SER E 63 -16.07 1.79 -19.31
N MET E 64 -17.33 1.39 -19.23
CA MET E 64 -17.88 0.40 -20.15
C MET E 64 -19.05 0.97 -20.95
N PRO E 65 -18.78 1.37 -22.20
CA PRO E 65 -19.83 1.85 -23.09
C PRO E 65 -20.61 0.71 -23.74
N LYS E 66 -21.73 0.33 -23.12
CA LYS E 66 -22.53 -0.79 -23.60
C LYS E 66 -23.66 -0.33 -24.52
N ASP E 67 -23.91 0.99 -24.55
CA ASP E 67 -24.92 1.55 -25.42
C ASP E 67 -24.50 2.92 -25.96
N GLU E 68 -25.23 3.40 -26.97
CA GLU E 68 -24.89 4.65 -27.66
C GLU E 68 -24.86 5.88 -26.76
N ALA E 69 -25.78 5.94 -25.79
CA ALA E 69 -25.90 7.11 -24.93
C ALA E 69 -24.66 7.28 -24.07
N ALA E 70 -24.25 6.19 -23.42
CA ALA E 70 -23.02 6.15 -22.64
C ALA E 70 -21.84 6.60 -23.48
N ASN E 71 -21.60 5.89 -24.59
CA ASN E 71 -20.48 6.17 -25.47
C ASN E 71 -20.42 7.63 -25.92
N GLY E 72 -21.59 8.20 -26.24
CA GLY E 72 -21.66 9.57 -26.68
C GLY E 72 -21.34 10.52 -25.54
N LEU E 73 -21.80 10.17 -24.34
CA LEU E 73 -21.49 10.95 -23.15
C LEU E 73 -19.97 10.99 -22.93
N MET E 74 -19.34 9.82 -22.96
CA MET E 74 -17.90 9.70 -22.79
C MET E 74 -17.16 10.50 -23.85
N ALA E 75 -17.65 10.44 -25.09
CA ALA E 75 -17.06 11.20 -26.18
C ALA E 75 -17.13 12.71 -25.90
N ALA E 76 -18.27 13.18 -25.42
CA ALA E 76 -18.44 14.59 -25.09
C ALA E 76 -17.52 15.02 -23.96
N TYR E 77 -17.39 14.14 -22.97
CA TYR E 77 -16.54 14.37 -21.80
C TYR E 77 -15.10 14.53 -22.25
N LEU E 78 -14.67 13.61 -23.11
CA LEU E 78 -13.34 13.63 -23.72
C LEU E 78 -13.12 14.91 -24.49
N ALA E 79 -14.13 15.32 -25.25
CA ALA E 79 -14.08 16.57 -26.00
C ALA E 79 -13.82 17.76 -25.08
N GLN E 80 -14.69 17.97 -24.10
CA GLN E 80 -14.50 19.07 -23.16
C GLN E 80 -13.14 19.04 -22.47
N ALA E 81 -12.66 17.86 -22.08
CA ALA E 81 -11.37 17.78 -21.41
C ALA E 81 -10.23 18.13 -22.37
N GLY E 82 -10.51 18.09 -23.66
CA GLY E 82 -9.52 18.44 -24.67
C GLY E 82 -8.47 17.36 -24.74
N LEU E 83 -8.91 16.11 -24.86
CA LEU E 83 -7.99 14.98 -24.91
C LEU E 83 -8.11 14.20 -26.20
N ALA E 84 -7.03 13.55 -26.60
CA ALA E 84 -7.00 12.77 -27.83
C ALA E 84 -7.41 11.32 -27.58
N ARG E 85 -6.94 10.76 -26.46
CA ARG E 85 -7.18 9.36 -26.15
C ARG E 85 -7.26 9.09 -24.65
N VAL E 86 -8.07 8.11 -24.27
CA VAL E 86 -8.05 7.56 -22.92
C VAL E 86 -8.27 6.06 -22.96
N PHE E 87 -7.78 5.35 -21.96
CA PHE E 87 -8.10 3.94 -21.78
C PHE E 87 -9.58 3.81 -21.42
N ILE E 88 -10.19 2.71 -21.85
CA ILE E 88 -11.54 2.35 -21.40
C ILE E 88 -11.57 0.86 -21.09
N GLY E 89 -12.69 0.40 -20.53
CA GLY E 89 -12.75 -0.97 -20.03
C GLY E 89 -13.14 -1.98 -21.08
N ILE E 90 -12.29 -2.15 -22.08
CA ILE E 90 -12.47 -3.21 -23.08
C ILE E 90 -11.13 -3.86 -23.42
N ASN E 91 -11.15 -5.18 -23.59
CA ASN E 91 -9.94 -5.96 -23.85
C ASN E 91 -10.26 -7.34 -24.40
N ASP E 92 -9.27 -7.99 -24.99
CA ASP E 92 -9.37 -9.40 -25.34
C ASP E 92 -8.14 -10.14 -24.80
N LEU E 93 -7.82 -9.83 -23.55
CA LEU E 93 -6.62 -10.35 -22.88
C LEU E 93 -6.66 -11.86 -22.67
N GLU E 94 -7.82 -12.40 -22.31
CA GLU E 94 -7.96 -13.82 -22.06
C GLU E 94 -7.91 -14.60 -23.37
N LYS E 95 -8.83 -14.29 -24.28
CA LYS E 95 -8.88 -14.96 -25.58
C LYS E 95 -8.81 -13.95 -26.71
N GLU E 96 -7.69 -13.98 -27.43
CA GLU E 96 -7.49 -13.11 -28.59
C GLU E 96 -8.67 -13.15 -29.56
N GLY E 97 -9.12 -11.98 -29.99
CA GLY E 97 -10.25 -11.87 -30.88
C GLY E 97 -11.58 -11.80 -30.17
N ALA E 98 -11.62 -12.33 -28.94
CA ALA E 98 -12.85 -12.31 -28.15
C ALA E 98 -12.81 -11.18 -27.14
N PHE E 99 -13.46 -10.06 -27.48
CA PHE E 99 -13.42 -8.88 -26.63
C PHE E 99 -14.49 -8.91 -25.54
N VAL E 100 -14.17 -8.27 -24.42
CA VAL E 100 -15.03 -8.28 -23.23
C VAL E 100 -14.90 -6.94 -22.52
N TYR E 101 -15.89 -6.61 -21.70
CA TYR E 101 -15.81 -5.39 -20.90
C TYR E 101 -15.00 -5.66 -19.63
N SER E 102 -14.69 -4.60 -18.89
CA SER E 102 -13.87 -4.71 -17.70
C SER E 102 -14.49 -5.61 -16.63
N ASP E 103 -15.82 -5.59 -16.55
CA ASP E 103 -16.54 -6.43 -15.58
C ASP E 103 -16.73 -7.87 -16.07
N HIS E 104 -16.03 -8.21 -17.15
CA HIS E 104 -16.04 -9.54 -17.78
C HIS E 104 -17.29 -9.86 -18.58
N SER E 105 -18.27 -8.96 -18.58
CA SER E 105 -19.45 -9.15 -19.42
C SER E 105 -19.06 -9.08 -20.90
N PRO E 106 -19.56 -10.04 -21.69
CA PRO E 106 -19.15 -10.21 -23.08
C PRO E 106 -19.54 -9.06 -24.00
N MET E 107 -18.82 -8.98 -25.10
CA MET E 107 -19.08 -8.02 -26.16
C MET E 107 -20.43 -8.30 -26.85
N ARG E 108 -21.08 -7.26 -27.35
CA ARG E 108 -22.39 -7.43 -27.98
C ARG E 108 -22.41 -6.86 -29.40
N THR E 109 -23.60 -6.62 -29.92
CA THR E 109 -23.76 -6.11 -31.28
C THR E 109 -23.30 -4.65 -31.35
N PHE E 110 -23.63 -3.89 -30.31
CA PHE E 110 -23.19 -2.51 -30.24
C PHE E 110 -21.67 -2.39 -30.16
N ASN E 111 -21.13 -1.50 -30.98
CA ASN E 111 -19.71 -1.18 -30.93
C ASN E 111 -19.45 0.18 -31.55
N LYS E 112 -18.22 0.65 -31.41
CA LYS E 112 -17.82 1.93 -31.98
C LYS E 112 -16.39 1.86 -32.48
N TRP E 113 -16.01 0.68 -32.96
CA TRP E 113 -14.70 0.49 -33.57
C TRP E 113 -14.47 1.50 -34.68
N ARG E 114 -13.27 2.06 -34.73
CA ARG E 114 -12.88 2.90 -35.85
C ARG E 114 -12.73 2.02 -37.09
N SER E 115 -12.68 2.64 -38.27
CA SER E 115 -12.50 1.86 -39.50
C SER E 115 -11.22 1.04 -39.46
N GLY E 116 -11.36 -0.28 -39.64
CA GLY E 116 -10.21 -1.16 -39.64
C GLY E 116 -9.91 -1.75 -38.28
N GLU E 117 -10.66 -1.33 -37.27
CA GLU E 117 -10.42 -1.81 -35.90
C GLU E 117 -11.49 -2.79 -35.44
N PRO E 118 -11.12 -3.75 -34.58
CA PRO E 118 -9.78 -3.93 -33.99
C PRO E 118 -8.87 -4.75 -34.90
N ASN E 119 -7.58 -4.40 -34.95
CA ASN E 119 -6.66 -5.04 -35.89
C ASN E 119 -5.49 -5.79 -35.26
N ASN E 120 -5.51 -5.92 -33.93
CA ASN E 120 -4.45 -6.62 -33.18
C ASN E 120 -3.04 -6.37 -33.71
N ALA E 121 -2.73 -5.09 -33.99
CA ALA E 121 -1.47 -4.70 -34.63
C ALA E 121 -0.24 -5.35 -34.01
N TYR E 122 0.54 -6.02 -34.85
CA TYR E 122 1.75 -6.73 -34.44
C TYR E 122 1.49 -7.77 -33.35
N ASP E 123 0.27 -8.30 -33.33
CA ASP E 123 -0.16 -9.29 -32.35
C ASP E 123 0.23 -8.89 -30.92
N GLU E 124 0.06 -7.61 -30.61
CA GLU E 124 0.39 -7.12 -29.28
C GLU E 124 -0.61 -6.09 -28.78
N GLU E 125 -1.83 -6.15 -29.30
CA GLU E 125 -2.86 -5.18 -28.92
C GLU E 125 -4.07 -5.85 -28.29
N ASP E 126 -4.10 -5.87 -26.96
CA ASP E 126 -5.19 -6.52 -26.24
C ASP E 126 -5.93 -5.58 -25.30
N CYS E 127 -5.76 -4.28 -25.47
CA CYS E 127 -6.47 -3.32 -24.62
C CYS E 127 -7.20 -2.33 -25.52
N VAL E 128 -8.11 -1.51 -24.98
CA VAL E 128 -8.85 -0.60 -25.85
C VAL E 128 -8.82 0.87 -25.39
N GLU E 129 -8.61 1.76 -26.35
CA GLU E 129 -8.65 3.20 -26.13
C GLU E 129 -9.88 3.82 -26.81
N MET E 130 -10.37 4.91 -26.23
CA MET E 130 -11.36 5.74 -26.91
C MET E 130 -10.69 7.02 -27.39
N VAL E 131 -11.04 7.47 -28.58
CA VAL E 131 -10.44 8.69 -29.12
C VAL E 131 -11.48 9.82 -29.15
N ALA E 132 -11.02 11.03 -29.44
CA ALA E 132 -11.85 12.24 -29.44
C ALA E 132 -13.22 12.03 -30.08
N SER E 133 -13.23 11.43 -31.26
CA SER E 133 -14.47 11.19 -32.02
C SER E 133 -15.45 10.31 -31.26
N GLY E 134 -14.94 9.48 -30.36
CA GLY E 134 -15.77 8.54 -29.64
C GLY E 134 -15.57 7.11 -30.12
N GLY E 135 -14.74 6.95 -31.14
CA GLY E 135 -14.45 5.64 -31.70
C GLY E 135 -13.49 4.83 -30.83
N TRP E 136 -13.51 3.51 -31.02
CA TRP E 136 -12.63 2.62 -30.25
C TRP E 136 -11.42 2.15 -31.04
N ASN E 137 -10.34 1.82 -30.33
CA ASN E 137 -9.21 1.15 -30.96
C ASN E 137 -8.45 0.24 -30.04
N ASP E 138 -8.08 -0.94 -30.54
CA ASP E 138 -7.25 -1.82 -29.74
C ASP E 138 -5.80 -1.32 -29.78
N VAL E 139 -5.12 -1.44 -28.64
CA VAL E 139 -3.76 -0.92 -28.44
C VAL E 139 -3.05 -1.85 -27.49
N ALA E 140 -1.74 -1.67 -27.41
CA ALA E 140 -0.92 -2.46 -26.50
C ALA E 140 -1.25 -2.08 -25.06
N CYS E 141 -1.41 -3.09 -24.21
CA CYS E 141 -1.75 -2.86 -22.81
C CYS E 141 -0.65 -2.11 -22.07
N HIS E 142 0.58 -2.26 -22.52
CA HIS E 142 1.71 -1.58 -21.88
C HIS E 142 1.81 -0.11 -22.28
N THR E 143 0.96 0.32 -23.21
CA THR E 143 0.85 1.75 -23.55
C THR E 143 0.46 2.54 -22.31
N THR E 144 0.93 3.78 -22.23
CA THR E 144 0.61 4.63 -21.09
C THR E 144 -0.18 5.89 -21.48
N MET E 145 -1.34 6.09 -20.86
CA MET E 145 -2.16 7.27 -21.10
C MET E 145 -3.19 7.52 -19.99
N TYR E 146 -3.95 8.61 -20.11
CA TYR E 146 -5.03 8.92 -19.17
C TYR E 146 -6.15 7.89 -19.26
N PHE E 147 -7.05 7.87 -18.28
CA PHE E 147 -8.14 6.89 -18.35
C PHE E 147 -9.45 7.40 -17.77
N MET E 148 -10.53 6.66 -18.00
CA MET E 148 -11.85 7.03 -17.50
C MET E 148 -12.45 5.91 -16.67
N CYS E 149 -12.89 6.26 -15.46
CA CYS E 149 -13.52 5.31 -14.57
C CYS E 149 -15.03 5.49 -14.59
N GLU E 150 -15.73 4.43 -14.22
CA GLU E 150 -17.19 4.42 -14.25
C GLU E 150 -17.72 3.93 -12.91
N PHE E 151 -18.77 4.56 -12.41
CA PHE E 151 -19.29 4.25 -11.08
C PHE E 151 -20.80 4.04 -11.13
N ASP E 152 -21.27 2.97 -10.49
CA ASP E 152 -22.68 2.64 -10.30
C ASP E 152 -23.21 3.32 -9.05
N LYS E 153 -24.43 3.81 -9.15
CA LYS E 153 -25.15 4.34 -8.02
C LYS E 153 -25.97 3.26 -7.28
N GLU E 154 -25.36 2.21 -6.69
CA GLU E 154 -26.17 1.20 -5.96
C GLU E 154 -26.76 1.79 -4.66
N ILE F 7 26.15 -5.86 36.40
CA ILE F 7 27.04 -5.74 35.27
C ILE F 7 27.48 -7.15 34.88
N GLY F 8 27.87 -7.94 35.87
CA GLY F 8 28.15 -9.34 35.71
C GLY F 8 26.95 -10.05 35.13
N GLU F 9 25.78 -9.74 35.70
CA GLU F 9 24.51 -10.29 35.25
C GLU F 9 24.17 -9.80 33.85
N MET F 10 24.53 -8.56 33.58
CA MET F 10 24.32 -7.98 32.26
C MET F 10 25.22 -8.66 31.23
N ASP F 11 26.48 -8.88 31.62
CA ASP F 11 27.42 -9.65 30.83
C ASP F 11 26.86 -11.04 30.51
N ASN F 12 26.31 -11.68 31.53
CA ASN F 12 25.66 -12.97 31.36
C ASN F 12 24.54 -12.88 30.33
N GLN F 13 23.70 -11.87 30.48
CA GLN F 13 22.61 -11.63 29.54
C GLN F 13 23.08 -11.46 28.09
N VAL F 14 24.14 -10.67 27.87
CA VAL F 14 24.61 -10.46 26.50
C VAL F 14 25.25 -11.73 25.93
N SER F 15 26.01 -12.47 26.75
CA SER F 15 26.50 -13.78 26.34
C SER F 15 25.37 -14.72 25.91
N GLN F 16 24.35 -14.80 26.76
CA GLN F 16 23.15 -15.60 26.53
C GLN F 16 22.49 -15.24 25.20
N LEU F 17 22.22 -13.96 25.04
CA LEU F 17 21.61 -13.43 23.82
C LEU F 17 22.46 -13.78 22.61
N THR F 18 23.78 -13.67 22.73
CA THR F 18 24.69 -14.06 21.66
C THR F 18 24.53 -15.52 21.25
N SER F 19 24.45 -16.40 22.25
CA SER F 19 24.33 -17.83 21.96
C SER F 19 23.00 -18.14 21.28
N GLU F 20 21.91 -17.66 21.88
CA GLU F 20 20.58 -17.87 21.32
C GLU F 20 20.46 -17.29 19.91
N LEU F 21 21.07 -16.13 19.68
CA LEU F 21 21.08 -15.53 18.35
C LEU F 21 21.81 -16.42 17.37
N LYS F 22 22.94 -16.99 17.81
CA LYS F 22 23.72 -17.87 16.95
C LYS F 22 22.86 -19.06 16.55
N PHE F 23 22.12 -19.58 17.52
CA PHE F 23 21.16 -20.64 17.28
C PHE F 23 20.13 -20.25 16.22
N ILE F 24 19.46 -19.12 16.43
CA ILE F 24 18.47 -18.61 15.48
C ILE F 24 19.04 -18.47 14.06
N LYS F 25 20.26 -17.98 13.96
CA LYS F 25 20.91 -17.80 12.67
C LYS F 25 21.16 -19.14 11.99
N ASN F 26 21.71 -20.09 12.74
CA ASN F 26 22.16 -21.35 12.16
C ASN F 26 21.05 -22.40 12.05
N ALA F 27 20.38 -22.66 13.17
CA ALA F 27 19.39 -23.73 13.21
C ALA F 27 18.07 -23.37 12.53
N VAL F 28 17.56 -22.18 12.80
CA VAL F 28 16.25 -21.77 12.27
C VAL F 28 16.35 -21.21 10.85
N ALA F 29 17.00 -20.07 10.70
CA ALA F 29 17.06 -19.38 9.42
C ALA F 29 18.00 -20.06 8.44
N GLY F 30 18.79 -21.01 8.95
CA GLY F 30 19.76 -21.73 8.16
C GLY F 30 20.60 -20.82 7.28
N VAL F 31 20.94 -19.64 7.81
CA VAL F 31 21.69 -18.67 7.05
C VAL F 31 23.15 -19.09 6.90
N ARG F 32 23.88 -18.41 6.01
CA ARG F 32 25.31 -18.66 5.84
C ARG F 32 26.08 -17.34 5.84
N GLU F 33 27.25 -17.33 6.45
CA GLU F 33 27.96 -16.07 6.70
C GLU F 33 29.42 -16.05 6.23
N THR F 34 29.79 -14.96 5.56
CA THR F 34 31.18 -14.65 5.31
C THR F 34 31.58 -13.48 6.21
N GLU F 35 32.81 -13.01 6.11
CA GLU F 35 33.24 -11.86 6.89
C GLU F 35 32.50 -10.57 6.49
N SER F 36 32.20 -10.45 5.21
CA SER F 36 31.62 -9.22 4.68
C SER F 36 30.17 -9.35 4.21
N LYS F 37 29.67 -10.57 4.10
CA LYS F 37 28.36 -10.78 3.48
C LYS F 37 27.50 -11.83 4.19
N ILE F 38 26.19 -11.74 3.98
CA ILE F 38 25.26 -12.76 4.44
C ILE F 38 24.44 -13.30 3.26
N TYR F 39 24.24 -14.61 3.22
CA TYR F 39 23.49 -15.22 2.13
C TYR F 39 22.24 -15.93 2.63
N LEU F 40 21.11 -15.71 1.93
CA LEU F 40 19.84 -16.24 2.42
C LEU F 40 19.01 -16.97 1.35
N LEU F 41 18.63 -18.21 1.64
CA LEU F 41 17.69 -18.93 0.78
C LEU F 41 16.25 -18.58 1.11
N VAL F 42 15.50 -18.18 0.10
CA VAL F 42 14.07 -17.99 0.22
C VAL F 42 13.38 -19.12 -0.54
N LYS F 43 12.66 -19.94 0.21
CA LYS F 43 11.93 -21.08 -0.33
C LYS F 43 10.49 -20.68 -0.63
N GLU F 44 10.36 -19.76 -1.59
CA GLU F 44 9.06 -19.34 -2.07
C GLU F 44 9.16 -19.27 -3.59
N GLU F 45 8.36 -20.07 -4.27
CA GLU F 45 8.40 -20.12 -5.72
C GLU F 45 7.92 -18.80 -6.32
N LYS F 46 8.82 -18.12 -7.03
CA LYS F 46 8.53 -16.83 -7.61
C LYS F 46 9.20 -16.69 -8.97
N ARG F 47 8.79 -15.66 -9.72
CA ARG F 47 9.43 -15.33 -10.97
C ARG F 47 10.55 -14.34 -10.68
N TYR F 48 11.52 -14.25 -11.60
CA TYR F 48 12.73 -13.47 -11.39
C TYR F 48 12.49 -12.08 -10.79
N ALA F 49 11.69 -11.27 -11.46
CA ALA F 49 11.46 -9.90 -11.02
C ALA F 49 10.85 -9.85 -9.63
N ASP F 50 9.95 -10.79 -9.35
CA ASP F 50 9.35 -10.92 -8.03
C ASP F 50 10.42 -11.23 -6.99
N ALA F 51 11.29 -12.17 -7.34
CA ALA F 51 12.39 -12.57 -6.46
C ALA F 51 13.31 -11.38 -6.15
N GLN F 52 13.69 -10.64 -7.17
CA GLN F 52 14.53 -9.46 -7.00
C GLN F 52 13.86 -8.40 -6.14
N LEU F 53 12.56 -8.19 -6.34
CA LEU F 53 11.81 -7.25 -5.51
C LEU F 53 11.77 -7.71 -4.06
N SER F 54 11.55 -9.00 -3.84
CA SER F 54 11.55 -9.57 -2.51
C SER F 54 12.90 -9.36 -1.82
N CYS F 55 13.98 -9.60 -2.56
CA CYS F 55 15.33 -9.38 -2.06
C CYS F 55 15.59 -7.92 -1.71
N GLN F 56 15.15 -7.01 -2.58
CA GLN F 56 15.31 -5.59 -2.36
C GLN F 56 14.55 -5.12 -1.13
N GLY F 57 13.33 -5.63 -0.98
CA GLY F 57 12.52 -5.35 0.19
C GLY F 57 13.20 -5.79 1.48
N ARG F 58 13.98 -6.86 1.38
CA ARG F 58 14.75 -7.35 2.52
C ARG F 58 16.03 -6.54 2.67
N GLY F 59 16.19 -5.53 1.83
CA GLY F 59 17.38 -4.69 1.87
C GLY F 59 18.61 -5.36 1.28
N GLY F 60 18.38 -6.23 0.31
CA GLY F 60 19.47 -6.87 -0.41
C GLY F 60 19.16 -6.99 -1.88
N THR F 61 19.86 -7.88 -2.57
CA THR F 61 19.58 -8.20 -3.96
C THR F 61 19.70 -9.70 -4.15
N LEU F 62 19.33 -10.19 -5.34
CA LEU F 62 19.57 -11.57 -5.68
C LEU F 62 21.08 -11.80 -5.70
N SER F 63 21.50 -12.99 -5.27
CA SER F 63 22.91 -13.27 -5.02
C SER F 63 23.79 -13.07 -6.25
N MET F 64 24.96 -12.46 -6.02
CA MET F 64 25.90 -12.19 -7.08
C MET F 64 27.24 -12.87 -6.84
N PRO F 65 27.46 -14.02 -7.51
CA PRO F 65 28.74 -14.73 -7.43
C PRO F 65 29.78 -14.13 -8.37
N LYS F 66 30.61 -13.23 -7.85
CA LYS F 66 31.62 -12.54 -8.64
C LYS F 66 32.98 -13.23 -8.57
N ASP F 67 33.12 -14.15 -7.62
CA ASP F 67 34.36 -14.91 -7.48
C ASP F 67 34.08 -16.35 -7.03
N GLU F 68 35.09 -17.20 -7.13
CA GLU F 68 34.95 -18.63 -6.85
C GLU F 68 34.48 -18.96 -5.44
N ALA F 69 34.94 -18.19 -4.46
CA ALA F 69 34.64 -18.47 -3.05
C ALA F 69 33.15 -18.33 -2.76
N ALA F 70 32.60 -17.20 -3.19
CA ALA F 70 31.17 -16.95 -3.07
C ALA F 70 30.39 -18.08 -3.72
N ASN F 71 30.64 -18.29 -5.01
CA ASN F 71 29.93 -19.31 -5.80
C ASN F 71 29.97 -20.69 -5.14
N GLY F 72 31.13 -21.05 -4.59
CA GLY F 72 31.30 -22.34 -3.95
C GLY F 72 30.51 -22.42 -2.65
N LEU F 73 30.51 -21.34 -1.88
CA LEU F 73 29.71 -21.26 -0.68
C LEU F 73 28.21 -21.41 -1.00
N MET F 74 27.76 -20.68 -2.01
CA MET F 74 26.38 -20.74 -2.47
C MET F 74 26.01 -22.17 -2.89
N ALA F 75 26.93 -22.80 -3.60
CA ALA F 75 26.75 -24.19 -4.03
C ALA F 75 26.60 -25.11 -2.83
N ALA F 76 27.45 -24.91 -1.82
CA ALA F 76 27.40 -25.72 -0.60
C ALA F 76 26.07 -25.50 0.12
N TYR F 77 25.61 -24.25 0.16
CA TYR F 77 24.36 -23.85 0.80
C TYR F 77 23.18 -24.57 0.12
N LEU F 78 23.17 -24.52 -1.21
CA LEU F 78 22.16 -25.20 -2.03
C LEU F 78 22.16 -26.70 -1.76
N ALA F 79 23.37 -27.28 -1.72
CA ALA F 79 23.56 -28.69 -1.42
C ALA F 79 22.92 -29.05 -0.09
N GLN F 80 23.37 -28.37 0.95
CA GLN F 80 22.90 -28.55 2.33
C GLN F 80 21.37 -28.48 2.40
N ALA F 81 20.79 -27.54 1.68
CA ALA F 81 19.33 -27.40 1.68
C ALA F 81 18.63 -28.51 0.90
N GLY F 82 19.37 -29.18 0.03
CA GLY F 82 18.83 -30.28 -0.76
C GLY F 82 17.89 -29.86 -1.87
N LEU F 83 18.29 -28.88 -2.66
CA LEU F 83 17.50 -28.38 -3.79
C LEU F 83 18.24 -28.51 -5.12
N ALA F 84 17.47 -28.53 -6.21
CA ALA F 84 18.03 -28.65 -7.54
C ALA F 84 18.36 -27.31 -8.19
N ARG F 85 17.50 -26.30 -7.98
CA ARG F 85 17.70 -25.01 -8.63
C ARG F 85 17.19 -23.83 -7.81
N VAL F 86 17.86 -22.69 -7.95
CA VAL F 86 17.37 -21.41 -7.45
C VAL F 86 17.73 -20.28 -8.42
N PHE F 87 16.94 -19.21 -8.40
CA PHE F 87 17.30 -18.00 -9.12
C PHE F 87 18.52 -17.35 -8.48
N ILE F 88 19.35 -16.69 -9.29
CA ILE F 88 20.43 -15.87 -8.78
C ILE F 88 20.46 -14.57 -9.57
N GLY F 89 21.29 -13.62 -9.15
CA GLY F 89 21.27 -12.29 -9.73
C GLY F 89 22.13 -12.13 -10.96
N ILE F 90 21.75 -12.84 -12.03
CA ILE F 90 22.40 -12.66 -13.34
C ILE F 90 21.34 -12.70 -14.44
N ASN F 91 21.52 -11.82 -15.43
CA ASN F 91 20.57 -11.67 -16.52
C ASN F 91 21.18 -10.94 -17.72
N ASP F 92 20.53 -11.05 -18.87
CA ASP F 92 20.86 -10.24 -20.03
C ASP F 92 19.57 -9.58 -20.55
N LEU F 93 18.80 -9.06 -19.60
CA LEU F 93 17.48 -8.50 -19.90
C LEU F 93 17.54 -7.25 -20.78
N GLU F 94 18.52 -6.39 -20.53
CA GLU F 94 18.65 -5.17 -21.31
C GLU F 94 19.15 -5.45 -22.72
N LYS F 95 20.34 -6.05 -22.82
CA LYS F 95 20.92 -6.38 -24.12
C LYS F 95 21.26 -7.87 -24.21
N GLU F 96 20.52 -8.57 -25.07
CA GLU F 96 20.74 -10.00 -25.32
C GLU F 96 22.21 -10.34 -25.59
N GLY F 97 22.70 -11.39 -24.94
CA GLY F 97 24.08 -11.82 -25.09
C GLY F 97 25.03 -11.13 -24.12
N ALA F 98 24.65 -9.96 -23.65
CA ALA F 98 25.46 -9.21 -22.70
C ALA F 98 24.94 -9.41 -21.29
N PHE F 99 25.59 -10.30 -20.54
CA PHE F 99 25.13 -10.65 -19.20
C PHE F 99 25.65 -9.68 -18.16
N VAL F 100 24.86 -9.51 -17.11
CA VAL F 100 25.17 -8.54 -16.07
C VAL F 100 24.66 -9.05 -14.73
N TYR F 101 25.21 -8.56 -13.63
CA TYR F 101 24.76 -8.94 -12.30
C TYR F 101 23.55 -8.09 -11.90
N SER F 102 22.90 -8.46 -10.80
CA SER F 102 21.68 -7.78 -10.35
C SER F 102 21.88 -6.30 -10.05
N ASP F 103 23.06 -5.94 -9.54
CA ASP F 103 23.38 -4.55 -9.23
C ASP F 103 23.86 -3.73 -10.43
N HIS F 104 23.70 -4.28 -11.64
CA HIS F 104 24.12 -3.66 -12.91
C HIS F 104 25.63 -3.68 -13.16
N SER F 105 26.42 -4.18 -12.23
CA SER F 105 27.84 -4.35 -12.49
C SER F 105 28.02 -5.42 -13.57
N PRO F 106 28.85 -5.11 -14.59
CA PRO F 106 28.99 -5.97 -15.78
C PRO F 106 29.60 -7.33 -15.49
N MET F 107 29.34 -8.27 -16.39
CA MET F 107 29.93 -9.61 -16.33
C MET F 107 31.43 -9.53 -16.57
N ARG F 108 32.18 -10.47 -16.00
CA ARG F 108 33.64 -10.44 -16.12
C ARG F 108 34.14 -11.77 -16.66
N THR F 109 35.42 -12.06 -16.47
CA THR F 109 36.02 -13.29 -16.98
C THR F 109 35.56 -14.52 -16.18
N PHE F 110 35.44 -14.35 -14.87
CA PHE F 110 34.95 -15.43 -14.02
C PHE F 110 33.52 -15.80 -14.39
N ASN F 111 33.26 -17.08 -14.50
CA ASN F 111 31.91 -17.59 -14.73
C ASN F 111 31.81 -19.04 -14.31
N LYS F 112 30.58 -19.55 -14.30
CA LYS F 112 30.35 -20.94 -13.93
C LYS F 112 29.24 -21.53 -14.78
N TRP F 113 29.14 -21.06 -16.02
CA TRP F 113 28.19 -21.61 -16.97
C TRP F 113 28.40 -23.12 -17.09
N ARG F 114 27.32 -23.88 -17.13
CA ARG F 114 27.45 -25.29 -17.44
C ARG F 114 27.86 -25.38 -18.91
N SER F 115 28.30 -26.56 -19.33
CA SER F 115 28.70 -26.74 -20.71
C SER F 115 27.53 -26.43 -21.63
N GLY F 116 27.75 -25.52 -22.58
CA GLY F 116 26.73 -25.14 -23.53
C GLY F 116 25.92 -23.92 -23.15
N GLU F 117 26.16 -23.39 -21.97
CA GLU F 117 25.42 -22.25 -21.49
C GLU F 117 26.30 -21.00 -21.54
N PRO F 118 25.69 -19.82 -21.77
CA PRO F 118 24.25 -19.62 -21.98
C PRO F 118 23.82 -19.84 -23.42
N ASN F 119 22.65 -20.43 -23.64
CA ASN F 119 22.22 -20.81 -24.98
C ASN F 119 20.94 -20.12 -25.47
N ASN F 120 20.45 -19.17 -24.69
CA ASN F 120 19.23 -18.41 -25.01
C ASN F 120 18.11 -19.25 -25.64
N ALA F 121 17.86 -20.43 -25.05
CA ALA F 121 16.91 -21.41 -25.58
C ALA F 121 15.57 -20.80 -25.97
N TYR F 122 15.14 -21.06 -27.21
CA TYR F 122 13.91 -20.54 -27.78
C TYR F 122 13.84 -19.02 -27.73
N ASP F 123 15.00 -18.37 -27.73
CA ASP F 123 15.11 -16.91 -27.64
C ASP F 123 14.19 -16.37 -26.53
N GLU F 124 14.13 -17.08 -25.41
CA GLU F 124 13.29 -16.67 -24.31
C GLU F 124 13.94 -16.91 -22.94
N GLU F 125 15.27 -16.95 -22.91
CA GLU F 125 15.98 -17.20 -21.66
C GLU F 125 16.87 -16.02 -21.31
N ASP F 126 16.37 -15.14 -20.45
CA ASP F 126 17.09 -13.95 -20.06
C ASP F 126 17.34 -13.83 -18.56
N CYS F 127 17.18 -14.92 -17.83
CA CYS F 127 17.43 -14.90 -16.39
C CYS F 127 18.41 -16.03 -16.07
N VAL F 128 18.98 -16.07 -14.89
CA VAL F 128 19.95 -17.13 -14.60
C VAL F 128 19.65 -17.92 -13.32
N GLU F 129 19.76 -19.24 -13.43
CA GLU F 129 19.61 -20.14 -12.30
C GLU F 129 20.93 -20.78 -11.92
N MET F 130 21.08 -21.10 -10.64
CA MET F 130 22.17 -21.94 -10.16
C MET F 130 21.65 -23.33 -9.83
N VAL F 131 22.42 -24.36 -10.20
CA VAL F 131 22.01 -25.73 -9.93
C VAL F 131 22.89 -26.36 -8.87
N ALA F 132 22.50 -27.54 -8.41
CA ALA F 132 23.17 -28.25 -7.32
C ALA F 132 24.70 -28.23 -7.41
N SER F 133 25.22 -28.53 -8.59
CA SER F 133 26.66 -28.56 -8.82
C SER F 133 27.32 -27.20 -8.57
N GLY F 134 26.53 -26.13 -8.72
CA GLY F 134 27.06 -24.78 -8.59
C GLY F 134 27.18 -24.08 -9.93
N GLY F 135 26.86 -24.80 -11.00
CA GLY F 135 26.90 -24.26 -12.35
C GLY F 135 25.73 -23.34 -12.64
N TRP F 136 25.90 -22.46 -13.62
CA TRP F 136 24.83 -21.54 -14.01
C TRP F 136 24.14 -22.01 -15.27
N ASN F 137 22.88 -21.62 -15.42
CA ASN F 137 22.16 -21.85 -16.68
C ASN F 137 21.13 -20.76 -16.92
N ASP F 138 21.09 -20.23 -18.14
CA ASP F 138 20.08 -19.24 -18.44
C ASP F 138 18.72 -19.90 -18.63
N VAL F 139 17.68 -19.21 -18.20
CA VAL F 139 16.32 -19.73 -18.18
C VAL F 139 15.34 -18.60 -18.43
N ALA F 140 14.09 -18.96 -18.69
CA ALA F 140 13.05 -17.97 -18.91
C ALA F 140 12.74 -17.23 -17.62
N CYS F 141 12.63 -15.91 -17.70
CA CYS F 141 12.37 -15.08 -16.53
C CYS F 141 11.00 -15.39 -15.91
N HIS F 142 10.07 -15.84 -16.73
CA HIS F 142 8.72 -16.16 -16.24
C HIS F 142 8.66 -17.52 -15.52
N THR F 143 9.77 -18.26 -15.54
CA THR F 143 9.89 -19.49 -14.76
C THR F 143 9.70 -19.20 -13.27
N THR F 144 9.17 -20.16 -12.52
CA THR F 144 8.97 -20.00 -11.09
C THR F 144 9.79 -21.00 -10.27
N MET F 145 10.59 -20.47 -9.34
CA MET F 145 11.36 -21.31 -8.44
C MET F 145 11.84 -20.53 -7.21
N TYR F 146 12.49 -21.23 -6.29
CA TYR F 146 13.07 -20.61 -5.10
C TYR F 146 14.20 -19.67 -5.48
N PHE F 147 14.63 -18.80 -4.56
CA PHE F 147 15.73 -17.90 -4.91
C PHE F 147 16.66 -17.59 -3.75
N MET F 148 17.79 -16.95 -4.05
CA MET F 148 18.76 -16.61 -3.01
C MET F 148 19.12 -15.12 -3.00
N CYS F 149 19.02 -14.52 -1.82
CA CYS F 149 19.36 -13.12 -1.63
C CYS F 149 20.74 -12.95 -0.99
N GLU F 150 21.34 -11.78 -1.22
CA GLU F 150 22.69 -11.48 -0.74
C GLU F 150 22.70 -10.14 -0.02
N PHE F 151 23.44 -10.06 1.09
CA PHE F 151 23.43 -8.87 1.91
C PHE F 151 24.83 -8.37 2.30
N ASP F 152 25.01 -7.06 2.16
CA ASP F 152 26.21 -6.35 2.59
C ASP F 152 26.14 -5.92 4.05
N LYS F 153 27.25 -6.05 4.78
CA LYS F 153 27.32 -5.47 6.11
C LYS F 153 27.78 -4.03 5.92
N GLU F 154 26.93 -3.07 6.27
CA GLU F 154 27.25 -1.67 6.07
C GLU F 154 27.18 -0.82 7.34
N ASN F 155 26.40 -1.29 8.30
CA ASN F 155 26.19 -0.58 9.56
C ASN F 155 26.85 -1.26 10.77
C1 MAN G . 20.96 15.73 -3.12
C2 MAN G . 19.64 16.15 -2.46
C3 MAN G . 19.91 16.37 -1.00
C4 MAN G . 20.43 15.06 -0.39
C5 MAN G . 21.72 14.63 -1.10
C6 MAN G . 22.22 13.27 -0.66
O1 MAN G . 21.83 16.83 -2.99
O2 MAN G . 18.74 15.06 -2.47
O3 MAN G . 18.75 16.81 -0.32
O4 MAN G . 20.70 15.23 0.99
O5 MAN G . 21.49 14.57 -2.53
O6 MAN G . 22.12 12.37 -1.77
C1 MAN G . 17.73 15.20 -3.49
C2 MAN G . 16.92 13.83 -3.53
C3 MAN G . 17.03 13.06 -4.88
C4 MAN G . 17.22 14.01 -6.05
C5 MAN G . 18.50 14.77 -5.79
C6 MAN G . 19.01 15.54 -7.00
O2 MAN G . 15.53 14.02 -3.28
O3 MAN G . 15.89 12.23 -5.09
O4 MAN G . 17.34 13.28 -7.27
O5 MAN G . 18.22 15.71 -4.74
O6 MAN G . 17.96 16.32 -7.53
C1 MAN H . 0.39 46.49 -23.87
C2 MAN H . -0.89 45.68 -23.59
C3 MAN H . -2.08 46.56 -23.88
C4 MAN H . -2.01 47.82 -23.00
C5 MAN H . -0.69 48.58 -23.28
C6 MAN H . -0.48 49.75 -22.34
O1 MAN H . 0.43 46.72 -25.27
O2 MAN H . -1.03 45.38 -22.19
O3 MAN H . -3.30 45.87 -23.66
O4 MAN H . -3.11 48.66 -23.26
O5 MAN H . 0.44 47.70 -23.12
O6 MAN H . 0.75 50.38 -22.68
C1 MAN H . -0.08 44.40 -21.72
C2 MAN H . -0.75 43.52 -20.61
C3 MAN H . -0.58 44.13 -19.18
C4 MAN H . 0.81 44.75 -18.98
C5 MAN H . 1.05 45.74 -20.10
C6 MAN H . 2.32 46.57 -19.94
O2 MAN H . -0.21 42.21 -20.56
O3 MAN H . -0.85 43.18 -18.16
O4 MAN H . 0.89 45.41 -17.73
O5 MAN H . 1.14 44.98 -21.32
O6 MAN H . 3.45 45.70 -20.05
C1 MAN I . -17.89 -15.79 -3.45
C2 MAN I . -16.92 -15.16 -2.45
C3 MAN I . -17.61 -14.00 -1.80
C4 MAN I . -17.96 -12.98 -2.87
C5 MAN I . -18.98 -13.62 -3.82
C6 MAN I . -19.35 -12.73 -4.98
O1 MAN I . -18.89 -16.42 -2.69
O2 MAN I . -15.83 -14.54 -3.13
O3 MAN I . -16.82 -13.42 -0.77
O4 MAN I . -18.53 -11.82 -2.28
O5 MAN I . -18.41 -14.84 -4.37
O6 MAN I . -18.30 -12.77 -5.93
C1 MAN I . -14.68 -15.42 -3.17
C2 MAN I . -13.45 -14.53 -3.37
C3 MAN I . -13.45 -13.96 -4.79
C4 MAN I . -13.62 -15.08 -5.82
C5 MAN I . -14.91 -15.87 -5.50
C6 MAN I . -15.18 -17.02 -6.46
O2 MAN I . -12.23 -15.27 -3.24
O3 MAN I . -12.28 -13.20 -5.06
O4 MAN I . -13.71 -14.54 -7.12
O5 MAN I . -14.81 -16.39 -4.17
O6 MAN I . -13.95 -17.66 -6.76
C1 MAN J . 0.53 -50.04 8.81
C2 MAN J . 1.44 -48.98 9.47
C3 MAN J . 2.15 -49.62 10.63
C4 MAN J . 1.11 -50.13 11.63
C5 MAN J . 0.28 -51.23 10.94
C6 MAN J . -0.83 -51.76 11.82
O1 MAN J . 1.39 -50.93 8.12
O2 MAN J . 0.66 -47.95 10.07
O3 MAN J . 3.05 -48.73 11.26
O4 MAN J . 1.74 -50.65 12.79
O5 MAN J . -0.33 -50.69 9.73
O6 MAN J . -1.63 -50.65 12.24
C1 MAN J . 0.57 -46.80 9.21
C2 MAN J . 0.24 -45.57 10.10
C3 MAN J . -1.24 -45.61 10.53
C4 MAN J . -2.17 -45.89 9.33
C5 MAN J . -1.72 -47.16 8.63
C6 MAN J . -2.57 -47.54 7.42
O2 MAN J . 0.43 -44.35 9.41
O3 MAN J . -1.62 -44.40 11.19
O4 MAN J . -3.51 -46.05 9.78
O5 MAN J . -0.35 -46.99 8.18
O6 MAN J . -2.96 -46.34 6.75
CA CA K . 19.60 23.80 6.36
CA CA L . 19.41 16.83 1.94
CA CA M . 20.58 26.95 4.29
C1 GOL N . 19.41 30.39 8.10
O1 GOL N . 20.26 30.86 9.12
C2 GOL N . 20.22 29.57 7.10
O2 GOL N . 19.63 28.30 6.93
C3 GOL N . 20.29 30.29 5.76
O3 GOL N . 20.85 29.42 4.80
CA CA O . -12.01 46.97 -28.53
CA CA P . -5.15 47.47 -23.65
CA CA Q . -11.17 46.01 -32.30
C1 GOL R . -15.21 44.66 -33.52
O1 GOL R . -15.77 44.91 -32.25
C2 GOL R . -13.95 45.51 -33.66
O2 GOL R . -13.49 45.83 -32.37
C3 GOL R . -12.88 44.74 -34.42
O3 GOL R . -12.06 44.03 -33.51
CA CA S . -21.95 -13.30 7.57
CA CA T . -18.56 -12.09 0.11
CA CA U . -23.82 -16.54 8.76
C1 GOL V . -24.36 -16.25 13.19
O1 GOL V . -25.57 -16.33 13.88
C2 GOL V . -24.58 -16.42 11.69
O2 GOL V . -23.64 -15.63 11.00
C3 GOL V . -24.40 -17.89 11.33
O3 GOL V . -24.89 -18.14 10.03
CA CA W . 11.85 -52.86 13.28
CA CA X . 4.16 -50.08 12.94
CA CA Y . 13.50 -54.16 9.89
C1 GOL Z . 16.22 -55.30 9.62
O1 GOL Z . 15.09 -55.86 10.25
C2 GOL Z . 16.77 -54.18 10.51
O2 GOL Z . 15.79 -53.83 11.47
C3 GOL Z . 18.05 -54.63 11.19
O3 GOL Z . 19.08 -54.73 10.24
C1 GOL AA . -3.24 0.66 -34.97
O1 GOL AA . -4.56 0.55 -35.47
C2 GOL AA . -3.27 1.24 -33.57
O2 GOL AA . -3.48 0.22 -32.62
C3 GOL AA . -1.94 1.95 -33.28
O3 GOL AA . -1.82 2.19 -31.90
CA CA BA . -6.08 -8.47 -29.66
CA CA CA . -5.41 -1.09 -33.68
CA CA DA . -2.76 -10.18 -28.80
C1 GOL EA . -2.09 -12.60 -26.84
O1 GOL EA . -1.84 -11.21 -26.74
C2 GOL EA . -3.23 -12.99 -25.91
O2 GOL EA . -4.46 -12.87 -26.58
C3 GOL EA . -3.04 -14.44 -25.46
O3 GOL EA . -4.31 -15.02 -25.24
CA CA FA . 20.87 -15.49 -23.50
CA CA GA . 19.58 -22.84 -21.31
CA CA HA . 16.48 -13.80 -24.99
C1 GOL IA . 13.61 -9.70 -25.46
O1 GOL IA . 14.22 -8.50 -25.06
C2 GOL IA . 14.67 -10.77 -25.68
O2 GOL IA . 15.52 -10.81 -24.56
C3 GOL IA . 14.02 -12.13 -25.89
O3 GOL IA . 13.25 -12.49 -24.75
#